data_5YO1
#
_entry.id   5YO1
#
_cell.length_a   120.325
_cell.length_b   120.325
_cell.length_c   170.012
_cell.angle_alpha   90.00
_cell.angle_beta   90.00
_cell.angle_gamma   120.00
#
_symmetry.space_group_name_H-M   'P 31 2 1'
#
loop_
_entity.id
_entity.type
_entity.pdbx_description
1 polymer 'Aminopeptidase N'
2 non-polymer 'ZINC ION'
3 non-polymer PUROMYCIN
4 non-polymer 'SODIUM ION'
5 non-polymer GLYCEROL
6 water water
#
_entity_poly.entity_id   1
_entity_poly.type   'polypeptide(L)'
_entity_poly.pdbx_seq_one_letter_code
;MGSSHHHHHHSSGENLYFQGHMTQQPQAKYRHDYRAPDYQITDIDLTFDLDAQKTVVTAVSQAVRHGASDAPLRLNGEDL
KLVSVHINDEPWTAWKEEEGALVISNLPERFTLKIINEISPAANTALEGLYQSGDALCTQCEAEGFRHITYYLDRPDVLA
RFTTKIIADKIKYPFLLSNGNRVAQGELENGRHWVQWQDPFPKPCYLFALVAGDFDVLRDTFTTRSGREVALELYVDRGN
LDRAPWAMTSLKNSMKWDEERFGLEYDLDIYMIVAVDFFNMGAMENKGLNIFNSKYVLARTDTATDKDYLDIERVIGHAY
FHNWTGNRVTCRDWFQLSLKEGLTVFRDQEFSSDLGSRAVNRINNVRTMRGLQFAEDASPMAHPIRPDMVIEMNNFYTLT
VYEKGAEVIRMIHTLLGEENFQKGMQLYFERHDGSAATCDDFVQAMEDASNVDLSHFRRWYSQSGTPIVTVKDDYNPETE
QYTLTISQRTPATPDQAEKQPLHIPFAIELYDNEGKVIPLQKGGHPVNSVLNVTQAEQTFVFDNVYFQPVPALLCEFSAP
VKLEYKWSDQQLTFLMRHARNDFSRWDAAQSLLATYIKLNVARHQQGQPLSLPVHVADAFRAVLLDEKIDPALAAEILTL
PSVNEMAELFDIIDPIAIAEVREALTRTLATELADELLAIYNANYQSEYRVEHEDIAKRTLRNACLRFLAFGETHLADVL
VSKQFHEANNMTDALAALSAAVAAQLPCRDALMQEYDDKWHQNGLVMDKWFILQATSPAANVLETVRGLLQHRSFTMSNP
NRIRSLIGAFAGSNPAAFHAEDGSGYLFLVEMLTDLNSRNPQVASRLIEPLIRLKRYDAKRQEKMRAALEQLKGLENLSG
DLYEKITKALA
;
_entity_poly.pdbx_strand_id   A
#
# COMPACT_ATOMS: atom_id res chain seq x y z
N PRO A 26 12.44 22.32 -0.97
CA PRO A 26 12.08 23.49 -1.80
C PRO A 26 10.84 24.36 -1.28
N GLN A 27 10.02 24.85 -2.22
CA GLN A 27 8.75 25.55 -1.91
C GLN A 27 7.50 24.59 -1.77
N ALA A 28 6.55 24.97 -0.92
CA ALA A 28 5.25 24.29 -0.79
C ALA A 28 4.31 24.66 -1.93
N LYS A 29 3.52 23.69 -2.43
CA LYS A 29 2.52 23.88 -3.49
C LYS A 29 1.15 23.63 -2.87
N TYR A 30 0.16 24.37 -3.37
CA TYR A 30 -1.17 24.37 -2.80
C TYR A 30 -2.20 24.05 -3.86
N ARG A 31 -3.12 23.16 -3.50
CA ARG A 31 -4.18 22.70 -4.38
C ARG A 31 -5.05 23.84 -4.94
N HIS A 32 -5.32 24.83 -4.08
CA HIS A 32 -6.17 25.97 -4.45
C HIS A 32 -5.52 26.89 -5.48
N ASP A 33 -4.18 26.75 -5.70
CA ASP A 33 -3.48 27.43 -6.75
C ASP A 33 -3.49 26.71 -8.07
N TYR A 34 -4.20 25.59 -8.23
CA TYR A 34 -4.22 24.96 -9.52
C TYR A 34 -4.67 25.95 -10.56
N ARG A 35 -3.95 26.07 -11.66
CA ARG A 35 -4.47 26.76 -12.88
C ARG A 35 -4.14 25.96 -14.12
N ALA A 36 -5.04 26.01 -15.11
CA ALA A 36 -4.77 25.34 -16.38
C ALA A 36 -3.44 25.84 -16.94
N PRO A 37 -2.68 24.97 -17.61
CA PRO A 37 -1.38 25.39 -18.13
C PRO A 37 -1.43 26.47 -19.24
N ASP A 38 -0.43 27.35 -19.25
CA ASP A 38 -0.30 28.36 -20.31
C ASP A 38 0.01 27.75 -21.69
N TYR A 39 0.64 26.61 -21.69
CA TYR A 39 0.97 25.89 -22.90
C TYR A 39 0.53 24.42 -22.79
N GLN A 40 0.22 23.83 -23.93
CA GLN A 40 0.01 22.40 -24.04
C GLN A 40 1.02 21.84 -25.01
N ILE A 41 1.36 20.58 -24.80
CA ILE A 41 2.10 19.80 -25.76
C ILE A 41 1.08 18.72 -26.19
N THR A 42 1.00 18.48 -27.49
CA THR A 42 0.11 17.50 -28.10
C THR A 42 0.83 16.26 -28.55
N ASP A 43 2.11 16.39 -28.94
CA ASP A 43 2.88 15.27 -29.46
C ASP A 43 4.36 15.45 -29.11
N ILE A 44 5.05 14.39 -28.69
CA ILE A 44 6.48 14.40 -28.43
C ILE A 44 7.16 13.17 -29.06
N ASP A 45 8.33 13.41 -29.57
CA ASP A 45 9.06 12.50 -30.37
C ASP A 45 10.43 12.51 -29.67
N LEU A 46 10.67 11.45 -28.92
CA LEU A 46 11.92 11.24 -28.16
C LEU A 46 12.92 10.36 -28.89
N THR A 47 14.20 10.69 -28.77
CA THR A 47 15.27 9.80 -29.15
C THR A 47 16.25 9.68 -27.95
N PHE A 48 16.59 8.46 -27.59
CA PHE A 48 17.59 8.22 -26.57
C PHE A 48 18.74 7.50 -27.23
N ASP A 49 19.92 8.09 -27.06
CA ASP A 49 21.15 7.47 -27.41
C ASP A 49 21.69 7.03 -26.08
N LEU A 50 21.46 5.74 -25.78
CA LEU A 50 21.63 5.22 -24.44
C LEU A 50 23.02 4.77 -24.16
N ASP A 51 23.51 5.20 -23.02
CA ASP A 51 24.72 4.70 -22.44
C ASP A 51 24.57 4.96 -20.93
N ALA A 52 25.04 4.03 -20.11
CA ALA A 52 24.86 4.20 -18.65
C ALA A 52 25.60 5.41 -18.05
N GLN A 53 26.75 5.79 -18.61
CA GLN A 53 27.50 6.94 -18.14
C GLN A 53 26.93 8.23 -18.67
N LYS A 54 26.56 8.24 -19.96
CA LYS A 54 26.04 9.44 -20.58
C LYS A 54 24.99 9.15 -21.66
N THR A 55 23.75 9.50 -21.36
CA THR A 55 22.68 9.30 -22.32
C THR A 55 22.37 10.60 -22.94
N VAL A 56 22.17 10.64 -24.23
CA VAL A 56 21.81 11.84 -24.92
C VAL A 56 20.32 11.70 -25.28
N VAL A 57 19.49 12.68 -24.88
CA VAL A 57 18.06 12.67 -25.17
C VAL A 57 17.75 13.75 -26.18
N THR A 58 17.07 13.43 -27.26
CA THR A 58 16.58 14.45 -28.19
C THR A 58 15.04 14.46 -28.11
N ALA A 59 14.42 15.61 -27.84
CA ALA A 59 13.01 15.65 -27.56
C ALA A 59 12.36 16.72 -28.43
N VAL A 60 11.53 16.26 -29.36
CA VAL A 60 10.84 17.16 -30.31
C VAL A 60 9.37 17.22 -29.92
N SER A 61 8.93 18.33 -29.36
CA SER A 61 7.55 18.47 -28.90
C SER A 61 6.74 19.44 -29.77
N GLN A 62 5.55 19.04 -30.23
CA GLN A 62 4.62 20.00 -30.81
C GLN A 62 3.82 20.70 -29.69
N ALA A 63 3.89 22.02 -29.67
CA ALA A 63 3.32 22.80 -28.61
C ALA A 63 2.32 23.86 -29.08
N VAL A 64 1.44 24.22 -28.17
CA VAL A 64 0.34 25.19 -28.39
C VAL A 64 0.23 26.11 -27.19
N ARG A 65 0.27 27.44 -27.42
CA ARG A 65 0.01 28.38 -26.34
C ARG A 65 -1.47 28.60 -26.16
N HIS A 66 -1.97 28.44 -24.93
CA HIS A 66 -3.34 28.85 -24.58
C HIS A 66 -3.44 30.17 -23.77
N GLY A 67 -2.40 30.47 -22.99
CA GLY A 67 -2.35 31.70 -22.23
C GLY A 67 -1.85 32.90 -23.05
N ALA A 68 -1.42 33.91 -22.32
CA ALA A 68 -1.19 35.22 -22.89
C ALA A 68 0.09 35.20 -23.73
N SER A 69 0.11 36.08 -24.73
CA SER A 69 1.21 36.13 -25.70
C SER A 69 2.56 36.39 -25.05
N ASP A 70 2.56 37.03 -23.90
CA ASP A 70 3.78 37.34 -23.12
C ASP A 70 4.12 36.40 -21.94
N ALA A 71 3.41 35.27 -21.85
CA ALA A 71 3.66 34.28 -20.78
C ALA A 71 4.71 33.32 -21.31
N PRO A 72 5.80 33.11 -20.57
CA PRO A 72 6.84 32.24 -21.15
C PRO A 72 6.45 30.79 -20.95
N LEU A 73 7.05 29.89 -21.71
CA LEU A 73 6.94 28.48 -21.48
C LEU A 73 7.93 28.09 -20.36
N ARG A 74 7.47 27.47 -19.28
CA ARG A 74 8.31 27.09 -18.15
C ARG A 74 8.35 25.59 -18.10
N LEU A 75 9.49 25.04 -18.43
CA LEU A 75 9.67 23.63 -18.48
C LEU A 75 10.36 23.17 -17.24
N ASN A 76 9.91 22.06 -16.67
CA ASN A 76 10.51 21.51 -15.48
C ASN A 76 11.71 20.74 -15.93
N GLY A 77 12.76 20.77 -15.15
CA GLY A 77 13.97 19.99 -15.46
C GLY A 77 14.86 19.89 -14.22
N GLU A 78 15.44 18.70 -13.95
CA GLU A 78 16.34 18.49 -12.81
C GLU A 78 17.54 17.68 -13.25
N ASP A 79 18.73 18.11 -12.88
CA ASP A 79 19.99 17.45 -13.20
C ASP A 79 20.07 17.12 -14.69
N LEU A 80 19.75 18.10 -15.52
CA LEU A 80 19.94 17.94 -16.96
C LEU A 80 21.11 18.80 -17.40
N LYS A 81 21.88 18.31 -18.35
CA LYS A 81 22.84 19.19 -19.03
C LYS A 81 22.20 19.61 -20.35
N LEU A 82 21.88 20.89 -20.53
CA LEU A 82 21.22 21.38 -21.73
C LEU A 82 22.28 21.48 -22.85
N VAL A 83 22.03 20.88 -23.99
CA VAL A 83 22.96 20.97 -25.08
C VAL A 83 22.42 22.01 -26.07
N SER A 84 21.15 21.92 -26.44
CA SER A 84 20.58 22.97 -27.29
C SER A 84 19.05 23.07 -27.23
N VAL A 85 18.56 24.21 -27.74
CA VAL A 85 17.18 24.59 -27.74
C VAL A 85 16.84 25.18 -29.08
N HIS A 86 15.91 24.59 -29.81
CA HIS A 86 15.39 25.20 -31.07
C HIS A 86 13.87 25.33 -31.04
N ILE A 87 13.38 26.36 -31.73
CA ILE A 87 11.98 26.60 -31.91
C ILE A 87 11.73 26.66 -33.41
N ASN A 88 11.02 25.69 -33.97
CA ASN A 88 10.81 25.59 -35.41
C ASN A 88 12.13 25.65 -36.12
N ASP A 89 13.06 24.82 -35.67
CA ASP A 89 14.41 24.72 -36.23
C ASP A 89 15.31 25.90 -36.07
N GLU A 90 14.94 26.82 -35.22
CA GLU A 90 15.74 27.99 -35.06
C GLU A 90 16.43 27.95 -33.71
N PRO A 91 17.77 28.04 -33.70
CA PRO A 91 18.48 28.17 -32.42
C PRO A 91 17.93 29.29 -31.60
N TRP A 92 17.37 28.97 -30.42
CA TRP A 92 16.63 29.99 -29.67
C TRP A 92 17.55 30.76 -28.70
N THR A 93 17.42 32.09 -28.65
CA THR A 93 18.25 32.90 -27.75
C THR A 93 17.44 33.45 -26.61
N ALA A 94 16.12 33.36 -26.70
CA ALA A 94 15.25 33.98 -25.75
C ALA A 94 14.82 32.99 -24.68
N TRP A 95 15.78 32.57 -23.87
CA TRP A 95 15.52 31.62 -22.77
C TRP A 95 16.49 31.82 -21.64
N LYS A 96 16.14 31.31 -20.46
CA LYS A 96 17.11 31.18 -19.39
C LYS A 96 16.90 29.94 -18.57
N GLU A 97 17.92 29.56 -17.81
CA GLU A 97 17.84 28.45 -16.84
C GLU A 97 17.71 28.98 -15.40
N GLU A 98 16.65 28.61 -14.71
CA GLU A 98 16.53 28.83 -13.27
C GLU A 98 16.58 27.50 -12.52
N GLU A 99 16.36 27.57 -11.20
CA GLU A 99 16.32 26.38 -10.37
C GLU A 99 15.17 25.47 -10.76
N GLY A 100 15.55 24.41 -11.42
CA GLY A 100 14.60 23.40 -11.82
C GLY A 100 13.76 23.74 -13.05
N ALA A 101 14.22 24.75 -13.83
CA ALA A 101 13.48 25.13 -15.01
C ALA A 101 14.25 25.74 -16.17
N LEU A 102 13.70 25.56 -17.35
CA LEU A 102 14.10 26.25 -18.55
C LEU A 102 12.89 27.09 -18.88
N VAL A 103 13.09 28.41 -18.92
CA VAL A 103 12.03 29.41 -19.17
C VAL A 103 12.29 29.99 -20.52
N ILE A 104 11.31 29.81 -21.41
CA ILE A 104 11.44 30.22 -22.83
C ILE A 104 10.40 31.29 -23.17
N SER A 105 10.91 32.44 -23.61
CA SER A 105 10.11 33.61 -23.91
C SER A 105 9.90 33.81 -25.42
N ASN A 106 8.93 34.67 -25.72
CA ASN A 106 8.73 35.25 -27.08
C ASN A 106 8.34 34.22 -28.13
N LEU A 107 7.48 33.30 -27.73
CA LEU A 107 7.10 32.20 -28.58
C LEU A 107 5.90 32.48 -29.45
N PRO A 108 5.81 31.84 -30.60
CA PRO A 108 4.56 31.88 -31.31
C PRO A 108 3.49 31.04 -30.63
N GLU A 109 2.27 31.14 -31.17
CA GLU A 109 1.09 30.42 -30.67
C GLU A 109 1.20 28.93 -30.92
N ARG A 110 1.82 28.51 -32.01
CA ARG A 110 2.10 27.11 -32.33
C ARG A 110 3.56 26.93 -32.78
N PHE A 111 4.26 25.91 -32.27
CA PHE A 111 5.65 25.69 -32.66
C PHE A 111 6.12 24.31 -32.30
N THR A 112 7.28 23.95 -32.84
CA THR A 112 7.99 22.72 -32.57
C THR A 112 9.14 23.08 -31.66
N LEU A 113 9.20 22.44 -30.50
CA LEU A 113 10.24 22.71 -29.52
C LEU A 113 11.18 21.60 -29.68
N LYS A 114 12.48 21.85 -29.89
CA LYS A 114 13.46 20.75 -29.83
C LYS A 114 14.49 20.98 -28.71
N ILE A 115 14.54 20.05 -27.75
CA ILE A 115 15.55 20.08 -26.72
C ILE A 115 16.46 18.93 -26.90
N ILE A 116 17.76 19.16 -26.85
CA ILE A 116 18.74 18.12 -26.68
C ILE A 116 19.38 18.35 -25.33
N ASN A 117 19.48 17.30 -24.50
CA ASN A 117 20.10 17.33 -23.17
C ASN A 117 20.82 16.05 -22.82
N GLU A 118 21.74 16.09 -21.86
CA GLU A 118 22.42 14.88 -21.40
C GLU A 118 22.03 14.51 -19.97
N ILE A 119 22.00 13.21 -19.67
CA ILE A 119 21.74 12.68 -18.30
C ILE A 119 22.67 11.55 -18.05
N SER A 120 22.74 11.15 -16.78
CA SER A 120 23.67 10.10 -16.41
C SER A 120 23.01 9.00 -15.62
N PRO A 121 22.58 7.91 -16.29
CA PRO A 121 21.80 6.93 -15.51
C PRO A 121 22.56 6.23 -14.35
N ALA A 122 23.84 5.97 -14.54
CA ALA A 122 24.65 5.30 -13.53
C ALA A 122 24.91 6.10 -12.26
N ALA A 123 24.80 7.41 -12.37
CA ALA A 123 24.90 8.28 -11.22
C ALA A 123 23.60 8.34 -10.45
N ASN A 124 22.50 7.96 -11.07
CA ASN A 124 21.20 8.15 -10.49
C ASN A 124 20.94 7.11 -9.39
N THR A 125 21.16 7.46 -8.12
CA THR A 125 20.98 6.53 -7.00
C THR A 125 19.58 6.63 -6.37
N ALA A 126 18.88 7.72 -6.61
CA ALA A 126 17.60 7.96 -6.07
C ALA A 126 16.48 7.14 -6.74
N LEU A 127 16.76 6.65 -7.93
CA LEU A 127 15.88 5.71 -8.68
C LEU A 127 14.63 6.39 -9.14
N GLU A 128 14.81 7.62 -9.64
CA GLU A 128 13.76 8.49 -10.12
C GLU A 128 14.30 9.10 -11.44
N GLY A 129 13.58 8.90 -12.54
CA GLY A 129 14.09 9.22 -13.90
C GLY A 129 14.58 7.99 -14.61
N LEU A 130 15.66 8.14 -15.38
CA LEU A 130 16.35 7.02 -15.99
C LEU A 130 17.58 6.57 -15.18
N TYR A 131 17.55 5.35 -14.72
CA TYR A 131 18.55 4.82 -13.82
C TYR A 131 18.93 3.39 -14.16
N GLN A 132 19.82 2.82 -13.39
CA GLN A 132 20.38 1.51 -13.73
C GLN A 132 19.92 0.54 -12.64
N SER A 133 19.30 -0.59 -13.02
CA SER A 133 18.94 -1.67 -12.10
C SER A 133 19.73 -2.90 -12.50
N GLY A 134 20.81 -3.16 -11.77
CA GLY A 134 21.85 -4.11 -12.18
C GLY A 134 22.51 -3.70 -13.51
N ASP A 135 22.37 -4.55 -14.51
CA ASP A 135 22.86 -4.25 -15.85
C ASP A 135 21.79 -3.58 -16.72
N ALA A 136 20.52 -3.58 -16.30
CA ALA A 136 19.45 -2.97 -17.10
C ALA A 136 19.32 -1.46 -16.86
N LEU A 137 18.83 -0.76 -17.87
CA LEU A 137 18.41 0.63 -17.73
C LEU A 137 16.93 0.59 -17.71
N CYS A 138 16.35 1.36 -16.80
CA CYS A 138 14.90 1.50 -16.69
C CYS A 138 14.49 2.86 -16.12
N THR A 139 13.21 3.16 -16.24
CA THR A 139 12.66 4.42 -15.82
C THR A 139 11.71 4.33 -14.63
N GLN A 140 11.64 5.39 -13.83
CA GLN A 140 10.51 5.64 -12.94
C GLN A 140 10.23 7.12 -13.04
N CYS A 141 9.06 7.45 -13.58
CA CYS A 141 8.62 8.81 -13.81
C CYS A 141 7.55 9.35 -12.86
N GLU A 142 6.72 8.50 -12.26
CA GLU A 142 5.72 8.96 -11.27
C GLU A 142 6.42 9.34 -9.96
N ALA A 143 6.17 10.53 -9.38
CA ALA A 143 5.26 11.55 -9.88
C ALA A 143 5.90 12.53 -10.86
N GLU A 144 7.09 13.02 -10.47
CA GLU A 144 7.78 14.13 -11.19
C GLU A 144 9.19 13.73 -11.60
N GLY A 145 9.26 12.54 -12.20
CA GLY A 145 10.53 11.93 -12.57
C GLY A 145 10.89 12.17 -14.04
N PHE A 146 9.92 12.40 -14.90
CA PHE A 146 10.20 12.65 -16.30
C PHE A 146 11.13 13.88 -16.50
N ARG A 147 10.98 14.87 -15.64
CA ARG A 147 11.83 16.06 -15.64
C ARG A 147 13.26 15.77 -15.29
N HIS A 148 13.59 14.58 -14.77
CA HIS A 148 15.00 14.16 -14.68
C HIS A 148 15.54 13.57 -15.96
N ILE A 149 14.69 13.47 -16.98
CA ILE A 149 15.05 12.87 -18.26
C ILE A 149 15.18 13.94 -19.34
N THR A 150 14.25 14.90 -19.36
CA THR A 150 14.35 16.00 -20.33
C THR A 150 13.51 17.15 -19.82
N TYR A 151 13.67 18.33 -20.38
CA TYR A 151 12.88 19.49 -19.99
C TYR A 151 11.46 19.36 -20.55
N TYR A 152 10.44 19.45 -19.71
CA TYR A 152 9.07 19.15 -20.16
C TYR A 152 8.07 19.88 -19.31
N LEU A 153 6.83 19.85 -19.76
CA LEU A 153 5.70 20.23 -18.90
C LEU A 153 5.34 19.02 -18.01
N ASP A 154 6.09 18.84 -16.92
CA ASP A 154 5.99 17.64 -16.09
C ASP A 154 4.88 17.77 -15.06
N ARG A 155 3.65 17.70 -15.54
CA ARG A 155 2.43 17.89 -14.77
C ARG A 155 1.29 17.09 -15.51
N PRO A 156 0.41 16.40 -14.76
CA PRO A 156 -0.35 15.35 -15.41
C PRO A 156 -1.58 15.80 -16.18
N ASP A 157 -1.87 17.11 -16.16
CA ASP A 157 -2.92 17.62 -17.02
C ASP A 157 -2.38 17.95 -18.41
N VAL A 158 -1.08 17.80 -18.66
CA VAL A 158 -0.57 17.87 -20.04
C VAL A 158 -0.45 16.46 -20.63
N LEU A 159 -1.30 16.11 -21.58
CA LEU A 159 -1.31 14.80 -22.23
C LEU A 159 -0.88 14.93 -23.67
N ALA A 160 -0.04 13.99 -24.09
CA ALA A 160 0.57 13.97 -25.44
C ALA A 160 0.74 12.56 -25.97
N ARG A 161 0.76 12.46 -27.30
CA ARG A 161 1.09 11.23 -28.02
C ARG A 161 2.61 11.13 -28.15
N PHE A 162 3.13 10.03 -27.65
CA PHE A 162 4.53 9.76 -27.59
C PHE A 162 4.98 8.82 -28.74
N THR A 163 6.18 9.10 -29.22
CA THR A 163 6.91 8.22 -30.08
C THR A 163 8.27 8.19 -29.49
N THR A 164 8.88 7.02 -29.36
CA THR A 164 10.13 6.87 -28.61
C THR A 164 11.09 5.99 -29.35
N LYS A 165 12.24 6.54 -29.72
CA LYS A 165 13.28 5.86 -30.47
C LYS A 165 14.43 5.62 -29.51
N ILE A 166 14.91 4.39 -29.46
CA ILE A 166 15.97 4.01 -28.54
C ILE A 166 17.11 3.42 -29.36
N ILE A 167 18.32 3.94 -29.11
CA ILE A 167 19.53 3.51 -29.75
C ILE A 167 20.46 3.01 -28.68
N ALA A 168 21.04 1.84 -28.88
CA ALA A 168 21.95 1.26 -27.92
C ALA A 168 22.84 0.16 -28.50
N ASP A 169 23.86 -0.16 -27.71
CA ASP A 169 24.71 -1.32 -27.92
C ASP A 169 23.88 -2.58 -27.86
N LYS A 170 23.95 -3.45 -28.85
CA LYS A 170 23.05 -4.61 -28.84
C LYS A 170 23.51 -5.77 -27.97
N ILE A 171 24.80 -5.86 -27.70
CA ILE A 171 25.26 -6.89 -26.76
C ILE A 171 24.76 -6.57 -25.38
N LYS A 172 24.98 -5.37 -24.86
CA LYS A 172 24.44 -5.06 -23.53
C LYS A 172 22.92 -4.91 -23.53
N TYR A 173 22.33 -4.33 -24.57
CA TYR A 173 20.90 -3.97 -24.54
C TYR A 173 20.12 -4.57 -25.69
N PRO A 174 20.12 -5.89 -25.78
CA PRO A 174 19.37 -6.52 -26.88
C PRO A 174 17.86 -6.18 -26.95
N PHE A 175 17.23 -6.00 -25.78
CA PHE A 175 15.85 -5.56 -25.68
C PHE A 175 15.78 -4.08 -25.37
N LEU A 176 15.02 -3.38 -26.20
CA LEU A 176 14.74 -1.98 -26.08
C LEU A 176 13.24 -1.76 -26.13
N LEU A 177 12.70 -1.34 -25.00
CA LEU A 177 11.23 -1.24 -24.83
C LEU A 177 10.76 0.13 -24.43
N SER A 178 9.63 0.55 -24.97
CA SER A 178 8.92 1.72 -24.46
C SER A 178 7.41 1.45 -24.68
N ASN A 179 6.56 2.42 -24.36
CA ASN A 179 5.13 2.25 -24.41
C ASN A 179 4.64 2.00 -25.86
N GLY A 180 3.65 1.10 -25.99
CA GLY A 180 2.86 0.90 -27.19
C GLY A 180 3.41 -0.16 -28.10
N ASN A 181 3.58 0.17 -29.36
CA ASN A 181 3.83 -0.85 -30.39
C ASN A 181 5.13 -0.56 -31.00
N ARG A 182 5.90 -1.57 -31.34
CA ARG A 182 7.14 -1.36 -32.13
C ARG A 182 6.79 -0.98 -33.54
N VAL A 183 7.20 0.17 -34.02
CA VAL A 183 6.85 0.62 -35.36
C VAL A 183 8.05 0.68 -36.32
N ALA A 184 9.26 0.48 -35.82
CA ALA A 184 10.47 0.68 -36.65
C ALA A 184 11.68 0.09 -35.96
N GLN A 185 12.63 -0.33 -36.78
CA GLN A 185 13.80 -1.06 -36.32
C GLN A 185 14.95 -0.87 -37.28
N GLY A 186 16.15 -0.80 -36.71
CA GLY A 186 17.37 -0.69 -37.47
C GLY A 186 18.63 -1.17 -36.78
N GLU A 187 19.61 -1.45 -37.61
CA GLU A 187 20.94 -1.80 -37.22
C GLU A 187 21.84 -0.68 -37.67
N LEU A 188 22.87 -0.43 -36.87
CA LEU A 188 23.86 0.57 -37.08
C LEU A 188 25.25 -0.05 -37.01
N GLU A 189 26.22 0.77 -37.42
CA GLU A 189 27.61 0.49 -37.24
C GLU A 189 27.95 0.45 -35.74
N ASN A 190 29.02 -0.27 -35.45
CA ASN A 190 29.63 -0.36 -34.11
C ASN A 190 28.79 -1.10 -33.11
N GLY A 191 28.14 -2.14 -33.60
CA GLY A 191 27.39 -3.03 -32.77
C GLY A 191 26.23 -2.37 -32.04
N ARG A 192 25.63 -1.35 -32.67
CA ARG A 192 24.47 -0.66 -32.14
C ARG A 192 23.24 -0.90 -32.97
N HIS A 193 22.10 -0.81 -32.32
CA HIS A 193 20.80 -1.00 -32.97
C HIS A 193 19.77 -0.06 -32.35
N TRP A 194 18.62 0.06 -32.99
CA TRP A 194 17.61 0.87 -32.46
C TRP A 194 16.25 0.34 -32.75
N VAL A 195 15.32 0.85 -31.98
CA VAL A 195 13.96 0.40 -32.05
C VAL A 195 13.11 1.61 -31.79
N GLN A 196 11.97 1.69 -32.45
CA GLN A 196 11.07 2.76 -32.18
C GLN A 196 9.66 2.29 -31.86
N TRP A 197 9.09 3.00 -30.91
CA TRP A 197 7.85 2.65 -30.27
C TRP A 197 6.89 3.79 -30.44
N GLN A 198 5.62 3.44 -30.50
CA GLN A 198 4.60 4.42 -30.61
C GLN A 198 3.36 4.01 -29.84
N ASP A 199 2.88 4.91 -28.99
CA ASP A 199 1.73 4.65 -28.20
C ASP A 199 0.63 5.59 -28.64
N PRO A 200 -0.46 5.07 -29.21
CA PRO A 200 -1.49 6.02 -29.69
C PRO A 200 -2.26 6.76 -28.59
N PHE A 201 -2.26 6.33 -27.36
CA PHE A 201 -3.11 6.99 -26.39
C PHE A 201 -2.33 8.17 -25.85
N PRO A 202 -2.91 9.38 -25.90
CA PRO A 202 -2.24 10.52 -25.26
C PRO A 202 -2.09 10.26 -23.79
N LYS A 203 -1.01 10.76 -23.22
CA LYS A 203 -0.74 10.49 -21.84
C LYS A 203 0.10 11.58 -21.19
N PRO A 204 -0.06 11.73 -19.86
CA PRO A 204 0.84 12.51 -19.07
C PRO A 204 2.17 11.81 -19.03
N CYS A 205 3.24 12.58 -18.94
CA CYS A 205 4.57 12.03 -18.95
C CYS A 205 4.85 11.11 -17.78
N TYR A 206 4.13 11.20 -16.65
CA TYR A 206 4.44 10.21 -15.56
C TYR A 206 4.23 8.72 -15.97
N LEU A 207 3.46 8.53 -17.03
CA LEU A 207 3.26 7.23 -17.60
C LEU A 207 4.25 6.80 -18.66
N PHE A 208 5.25 7.61 -18.99
CA PHE A 208 6.32 7.17 -19.88
C PHE A 208 7.20 6.13 -19.19
N ALA A 209 7.62 5.14 -19.98
CA ALA A 209 8.61 4.18 -19.57
C ALA A 209 9.54 3.83 -20.69
N LEU A 210 10.74 3.48 -20.28
CA LEU A 210 11.75 2.95 -21.16
C LEU A 210 12.52 1.92 -20.37
N VAL A 211 12.82 0.80 -21.03
CA VAL A 211 13.61 -0.28 -20.46
C VAL A 211 14.63 -0.76 -21.50
N ALA A 212 15.86 -0.96 -21.05
CA ALA A 212 16.84 -1.54 -21.93
C ALA A 212 17.66 -2.57 -21.16
N GLY A 213 17.85 -3.74 -21.75
CA GLY A 213 18.65 -4.77 -21.14
C GLY A 213 18.48 -6.13 -21.81
N ASP A 214 19.12 -7.10 -21.20
CA ASP A 214 19.03 -8.50 -21.56
C ASP A 214 18.13 -9.21 -20.54
N PHE A 215 17.17 -9.97 -21.06
CA PHE A 215 16.09 -10.58 -20.28
C PHE A 215 15.74 -11.94 -20.86
N ASP A 216 15.24 -12.82 -19.99
CA ASP A 216 14.40 -13.93 -20.37
C ASP A 216 13.00 -13.35 -20.44
N VAL A 217 12.22 -13.84 -21.40
CA VAL A 217 10.90 -13.37 -21.66
C VAL A 217 9.92 -14.54 -21.64
N LEU A 218 8.89 -14.43 -20.79
CA LEU A 218 7.77 -15.35 -20.76
C LEU A 218 6.66 -14.76 -21.63
N ARG A 219 6.26 -15.47 -22.66
CA ARG A 219 5.32 -14.92 -23.62
C ARG A 219 4.06 -15.74 -23.64
N ASP A 220 2.92 -15.07 -23.71
CA ASP A 220 1.65 -15.76 -23.62
C ASP A 220 0.63 -14.87 -24.34
N THR A 221 -0.66 -15.26 -24.35
CA THR A 221 -1.71 -14.41 -24.90
C THR A 221 -2.98 -14.46 -24.08
N PHE A 222 -3.77 -13.40 -24.25
CA PHE A 222 -5.07 -13.27 -23.71
C PHE A 222 -5.98 -12.74 -24.82
N THR A 223 -7.15 -13.34 -24.93
CA THR A 223 -8.14 -12.89 -25.88
C THR A 223 -9.22 -12.19 -25.09
N THR A 224 -9.48 -10.94 -25.44
CA THR A 224 -10.52 -10.22 -24.71
C THR A 224 -11.92 -10.78 -25.07
N ARG A 225 -12.87 -10.45 -24.22
CA ARG A 225 -14.27 -10.76 -24.37
C ARG A 225 -14.78 -10.43 -25.79
N SER A 226 -14.39 -9.30 -26.35
CA SER A 226 -14.81 -8.92 -27.68
C SER A 226 -13.94 -9.47 -28.81
N GLY A 227 -12.88 -10.23 -28.50
CA GLY A 227 -12.05 -10.89 -29.51
C GLY A 227 -10.67 -10.34 -29.76
N ARG A 228 -10.26 -9.23 -29.14
CA ARG A 228 -8.91 -8.72 -29.39
C ARG A 228 -7.86 -9.63 -28.70
N GLU A 229 -6.90 -10.09 -29.49
CA GLU A 229 -5.77 -10.87 -29.04
C GLU A 229 -4.65 -9.93 -28.60
N VAL A 230 -4.21 -10.13 -27.36
CA VAL A 230 -3.20 -9.33 -26.71
C VAL A 230 -2.01 -10.20 -26.45
N ALA A 231 -0.86 -9.80 -26.96
CA ALA A 231 0.37 -10.53 -26.61
C ALA A 231 0.76 -10.08 -25.19
N LEU A 232 1.06 -11.01 -24.31
CA LEU A 232 1.57 -10.71 -22.97
C LEU A 232 3.02 -11.07 -22.91
N GLU A 233 3.85 -10.16 -22.43
CA GLU A 233 5.32 -10.44 -22.31
C GLU A 233 5.86 -10.00 -20.96
N LEU A 234 6.44 -10.94 -20.26
CA LEU A 234 6.97 -10.75 -18.94
C LEU A 234 8.49 -10.94 -19.02
N TYR A 235 9.20 -9.83 -18.86
CA TYR A 235 10.64 -9.74 -18.90
C TYR A 235 11.18 -9.86 -17.48
N VAL A 236 12.08 -10.83 -17.28
CA VAL A 236 12.76 -11.06 -16.00
C VAL A 236 14.23 -11.29 -16.26
N ASP A 237 15.06 -11.12 -15.24
CA ASP A 237 16.50 -11.36 -15.38
C ASP A 237 16.74 -12.75 -15.94
N ARG A 238 17.82 -12.90 -16.70
CA ARG A 238 18.25 -14.25 -17.15
C ARG A 238 18.27 -15.22 -15.97
N GLY A 239 17.62 -16.38 -16.12
CA GLY A 239 17.58 -17.40 -15.09
C GLY A 239 16.35 -17.47 -14.18
N ASN A 240 15.32 -16.66 -14.44
CA ASN A 240 14.20 -16.48 -13.52
C ASN A 240 12.90 -16.80 -14.20
N LEU A 241 12.97 -17.40 -15.36
CA LEU A 241 11.78 -17.69 -16.14
C LEU A 241 10.90 -18.66 -15.41
N ASP A 242 11.53 -19.47 -14.56
CA ASP A 242 10.86 -20.40 -13.62
C ASP A 242 10.10 -19.74 -12.44
N ARG A 243 10.33 -18.46 -12.17
CA ARG A 243 9.56 -17.75 -11.14
C ARG A 243 8.48 -16.84 -11.76
N ALA A 244 8.25 -16.99 -13.05
CA ALA A 244 7.37 -16.11 -13.81
C ALA A 244 5.93 -16.58 -14.03
N PRO A 245 5.68 -17.88 -14.19
CA PRO A 245 4.31 -18.29 -14.55
C PRO A 245 3.18 -17.75 -13.67
N TRP A 246 3.39 -17.66 -12.36
CA TRP A 246 2.30 -17.18 -11.46
C TRP A 246 1.82 -15.72 -11.74
N ALA A 247 2.82 -14.85 -11.97
CA ALA A 247 2.61 -13.47 -12.38
C ALA A 247 1.82 -13.44 -13.68
N MET A 248 2.21 -14.32 -14.59
CA MET A 248 1.58 -14.34 -15.91
C MET A 248 0.13 -14.75 -15.71
N THR A 249 -0.06 -15.75 -14.89
CA THR A 249 -1.39 -16.26 -14.57
C THR A 249 -2.28 -15.21 -13.91
N SER A 250 -1.68 -14.47 -13.00
CA SER A 250 -2.37 -13.37 -12.30
C SER A 250 -2.79 -12.19 -13.21
N LEU A 251 -1.93 -11.87 -14.20
CA LEU A 251 -2.24 -10.86 -15.22
C LEU A 251 -3.47 -11.29 -16.02
N LYS A 252 -3.47 -12.54 -16.44
CA LYS A 252 -4.63 -13.05 -17.17
C LYS A 252 -5.86 -13.02 -16.26
N ASN A 253 -5.72 -13.45 -15.01
CA ASN A 253 -6.86 -13.40 -14.12
C ASN A 253 -7.40 -11.99 -13.96
N SER A 254 -6.48 -11.02 -13.90
CA SER A 254 -6.85 -9.59 -13.78
C SER A 254 -7.63 -9.09 -14.97
N MET A 255 -7.20 -9.51 -16.13
CA MET A 255 -7.84 -9.07 -17.37
C MET A 255 -9.24 -9.61 -17.44
N LYS A 256 -9.38 -10.88 -17.08
CA LYS A 256 -10.68 -11.56 -17.11
C LYS A 256 -11.61 -10.91 -16.08
N TRP A 257 -11.12 -10.68 -14.86
CA TRP A 257 -11.94 -10.13 -13.83
C TRP A 257 -12.37 -8.70 -14.15
N ASP A 258 -11.45 -7.88 -14.68
CA ASP A 258 -11.86 -6.55 -15.08
C ASP A 258 -13.01 -6.60 -16.10
N GLU A 259 -12.96 -7.58 -17.01
CA GLU A 259 -14.06 -7.83 -17.92
C GLU A 259 -15.34 -8.21 -17.18
N GLU A 260 -15.25 -9.21 -16.30
CA GLU A 260 -16.45 -9.71 -15.63
C GLU A 260 -17.12 -8.68 -14.70
N ARG A 261 -16.34 -7.96 -13.89
CA ARG A 261 -16.91 -7.17 -12.81
C ARG A 261 -17.18 -5.71 -13.22
N PHE A 262 -16.23 -5.10 -13.98
CA PHE A 262 -16.29 -3.71 -14.45
C PHE A 262 -16.57 -3.56 -15.97
N GLY A 263 -16.51 -4.62 -16.75
CA GLY A 263 -16.75 -4.48 -18.19
C GLY A 263 -15.66 -3.73 -18.94
N LEU A 264 -14.44 -3.83 -18.46
CA LEU A 264 -13.34 -3.09 -19.00
C LEU A 264 -12.41 -4.07 -19.67
N GLU A 265 -12.08 -3.79 -20.93
CA GLU A 265 -11.10 -4.59 -21.69
C GLU A 265 -9.78 -3.83 -21.89
N TYR A 266 -8.70 -4.59 -22.07
CA TYR A 266 -7.42 -3.97 -22.42
C TYR A 266 -7.58 -3.35 -23.77
N ASP A 267 -6.84 -2.28 -24.02
CA ASP A 267 -7.04 -1.42 -25.18
C ASP A 267 -5.89 -1.40 -26.21
N LEU A 268 -4.80 -2.13 -25.93
CA LEU A 268 -3.64 -2.23 -26.83
C LEU A 268 -3.41 -3.67 -27.29
N ASP A 269 -2.40 -3.85 -28.15
CA ASP A 269 -2.05 -5.15 -28.70
C ASP A 269 -1.00 -5.91 -27.93
N ILE A 270 -0.27 -5.21 -27.09
CA ILE A 270 0.76 -5.80 -26.33
C ILE A 270 0.67 -5.26 -24.89
N TYR A 271 0.93 -6.15 -23.94
CA TYR A 271 1.04 -5.87 -22.53
C TYR A 271 2.40 -6.36 -22.05
N MET A 272 3.28 -5.45 -21.70
CA MET A 272 4.58 -5.77 -21.19
C MET A 272 4.68 -5.51 -19.70
N ILE A 273 5.35 -6.41 -19.00
CA ILE A 273 5.71 -6.23 -17.61
C ILE A 273 7.22 -6.53 -17.52
N VAL A 274 7.97 -5.65 -16.83
CA VAL A 274 9.39 -5.89 -16.59
C VAL A 274 9.64 -5.94 -15.08
N ALA A 275 10.32 -6.98 -14.62
CA ALA A 275 10.64 -7.12 -13.20
C ALA A 275 12.05 -6.67 -12.94
N VAL A 276 12.23 -5.59 -12.20
CA VAL A 276 13.59 -5.14 -11.84
C VAL A 276 13.80 -5.17 -10.33
N ASP A 277 15.05 -5.36 -9.95
CA ASP A 277 15.39 -5.59 -8.54
C ASP A 277 15.54 -4.30 -7.75
N PHE A 278 15.73 -3.18 -8.43
CA PHE A 278 15.99 -1.87 -7.82
C PHE A 278 14.84 -0.98 -8.16
N PHE A 279 13.93 -0.81 -7.21
CA PHE A 279 12.72 -0.09 -7.51
C PHE A 279 12.17 0.45 -6.20
N ASN A 280 11.82 1.73 -6.16
CA ASN A 280 11.23 2.33 -4.97
C ASN A 280 9.78 2.00 -4.75
N MET A 281 8.93 1.98 -5.79
CA MET A 281 7.54 1.64 -5.54
C MET A 281 7.40 0.10 -5.54
N GLY A 282 6.16 -0.36 -5.57
CA GLY A 282 5.93 -1.78 -5.78
C GLY A 282 5.79 -2.08 -7.26
N ALA A 283 4.89 -1.34 -7.91
CA ALA A 283 4.67 -1.47 -9.30
C ALA A 283 4.17 -0.16 -9.92
N MET A 284 4.59 0.08 -11.16
CA MET A 284 4.23 1.28 -11.88
C MET A 284 3.45 0.91 -13.14
N GLU A 285 2.24 1.46 -13.21
CA GLU A 285 1.30 1.21 -14.27
C GLU A 285 1.61 1.91 -15.64
N ASN A 286 2.88 2.01 -16.04
CA ASN A 286 3.18 2.76 -17.29
C ASN A 286 2.39 2.08 -18.45
N LYS A 287 1.76 2.86 -19.30
CA LYS A 287 0.83 2.34 -20.33
C LYS A 287 1.52 1.32 -21.18
N GLY A 288 0.99 0.12 -21.14
CA GLY A 288 1.54 -0.98 -21.93
C GLY A 288 2.90 -1.52 -21.56
N LEU A 289 3.52 -0.95 -20.55
CA LEU A 289 4.87 -1.34 -20.16
C LEU A 289 5.00 -1.11 -18.67
N ASN A 290 4.34 -1.94 -17.89
CA ASN A 290 4.41 -1.83 -16.43
C ASN A 290 5.84 -2.17 -16.01
N ILE A 291 6.33 -1.47 -15.00
CA ILE A 291 7.61 -1.82 -14.40
C ILE A 291 7.35 -2.15 -12.93
N PHE A 292 7.80 -3.34 -12.52
CA PHE A 292 7.51 -3.96 -11.20
C PHE A 292 8.79 -4.19 -10.40
N ASN A 293 8.70 -3.90 -9.12
CA ASN A 293 9.59 -4.46 -8.16
C ASN A 293 9.55 -6.00 -8.33
N SER A 294 10.70 -6.61 -8.55
CA SER A 294 10.75 -8.06 -8.77
C SER A 294 10.15 -8.83 -7.58
N LYS A 295 10.10 -8.22 -6.39
CA LYS A 295 9.32 -8.76 -5.26
C LYS A 295 7.85 -9.11 -5.52
N TYR A 296 7.17 -8.31 -6.33
CA TYR A 296 5.79 -8.52 -6.69
C TYR A 296 5.66 -9.13 -8.08
N VAL A 297 6.69 -9.85 -8.51
CA VAL A 297 6.64 -10.73 -9.70
C VAL A 297 7.05 -12.19 -9.42
N LEU A 298 8.24 -12.38 -8.83
CA LEU A 298 8.91 -13.69 -8.86
C LEU A 298 8.41 -14.56 -7.76
N ALA A 299 7.93 -15.74 -8.11
CA ALA A 299 7.54 -16.73 -7.09
C ALA A 299 7.76 -18.17 -7.60
N ARG A 300 8.31 -18.96 -6.70
CA ARG A 300 8.44 -20.38 -6.81
C ARG A 300 7.97 -20.89 -5.44
N THR A 301 7.45 -22.09 -5.43
CA THR A 301 6.98 -22.80 -4.23
C THR A 301 7.96 -22.80 -3.04
N ASP A 302 9.23 -22.86 -3.33
CA ASP A 302 10.24 -22.98 -2.32
C ASP A 302 10.94 -21.63 -1.98
N THR A 303 10.63 -20.57 -2.75
CA THR A 303 11.12 -19.23 -2.50
C THR A 303 10.05 -18.23 -1.96
N ALA A 304 8.76 -18.54 -2.15
CA ALA A 304 7.69 -17.58 -1.92
C ALA A 304 6.63 -18.22 -1.10
N THR A 305 6.06 -17.41 -0.21
CA THR A 305 4.98 -17.86 0.69
C THR A 305 3.65 -17.65 0.03
N ASP A 306 2.63 -18.25 0.61
CA ASP A 306 1.22 -17.93 0.26
C ASP A 306 0.94 -16.45 0.18
N LYS A 307 1.45 -15.70 1.14
CA LYS A 307 1.16 -14.30 1.17
C LYS A 307 1.85 -13.62 -0.04
N ASP A 308 3.09 -14.00 -0.36
CA ASP A 308 3.77 -13.54 -1.58
C ASP A 308 2.94 -13.82 -2.85
N TYR A 309 2.41 -15.04 -2.97
CA TYR A 309 1.53 -15.33 -4.07
C TYR A 309 0.36 -14.37 -4.09
N LEU A 310 -0.31 -14.18 -2.96
CA LEU A 310 -1.54 -13.35 -2.94
C LEU A 310 -1.22 -11.87 -3.16
N ASP A 311 -0.06 -11.45 -2.68
CA ASP A 311 0.51 -10.12 -2.96
C ASP A 311 0.83 -9.93 -4.42
N ILE A 312 1.46 -10.92 -5.04
CA ILE A 312 1.78 -10.81 -6.43
C ILE A 312 0.49 -10.67 -7.25
N GLU A 313 -0.56 -11.39 -6.85
CA GLU A 313 -1.83 -11.33 -7.54
C GLU A 313 -2.44 -9.95 -7.42
N ARG A 314 -2.36 -9.40 -6.22
CA ARG A 314 -2.97 -8.12 -5.89
C ARG A 314 -2.30 -6.93 -6.60
N VAL A 315 -0.97 -6.98 -6.65
CA VAL A 315 -0.16 -5.90 -7.23
C VAL A 315 -0.20 -5.95 -8.75
N ILE A 316 -0.08 -7.13 -9.34
CA ILE A 316 -0.35 -7.31 -10.75
C ILE A 316 -1.75 -6.77 -11.12
N GLY A 317 -2.75 -7.15 -10.34
CA GLY A 317 -4.10 -6.66 -10.56
C GLY A 317 -4.16 -5.14 -10.51
N HIS A 318 -3.55 -4.59 -9.46
CA HIS A 318 -3.51 -3.16 -9.22
C HIS A 318 -2.97 -2.43 -10.43
N ALA A 319 -1.77 -2.82 -10.87
CA ALA A 319 -1.12 -2.18 -12.02
C ALA A 319 -2.04 -2.30 -13.24
N TYR A 320 -2.64 -3.48 -13.43
CA TYR A 320 -3.52 -3.69 -14.55
C TYR A 320 -4.77 -2.82 -14.45
N PHE A 321 -5.38 -2.71 -13.27
CA PHE A 321 -6.62 -1.95 -13.09
C PHE A 321 -6.45 -0.46 -13.35
N HIS A 322 -5.24 0.05 -13.14
CA HIS A 322 -4.87 1.42 -13.46
C HIS A 322 -5.06 1.70 -14.92
N ASN A 323 -5.07 0.67 -15.76
CA ASN A 323 -5.18 0.93 -17.15
C ASN A 323 -6.37 1.79 -17.51
N TRP A 324 -7.46 1.64 -16.77
CA TRP A 324 -8.66 2.50 -16.83
C TRP A 324 -8.66 3.56 -15.73
N THR A 325 -8.39 3.17 -14.50
CA THR A 325 -8.47 4.10 -13.37
C THR A 325 -7.04 4.60 -13.08
N GLY A 326 -6.64 5.56 -13.91
CA GLY A 326 -5.27 6.09 -13.85
C GLY A 326 -4.74 6.52 -15.20
N ASN A 327 -4.92 5.66 -16.19
CA ASN A 327 -4.33 5.91 -17.53
C ASN A 327 -5.36 6.52 -18.55
N ARG A 328 -6.40 5.77 -18.91
CA ARG A 328 -7.49 6.25 -19.76
C ARG A 328 -8.19 7.45 -19.13
N VAL A 329 -8.34 7.47 -17.79
CA VAL A 329 -8.67 8.68 -17.05
C VAL A 329 -7.53 8.85 -16.05
N THR A 330 -6.75 9.93 -16.21
CA THR A 330 -5.62 10.26 -15.37
C THR A 330 -6.00 11.39 -14.40
N CYS A 331 -5.03 11.97 -13.72
CA CYS A 331 -5.20 12.99 -12.67
C CYS A 331 -4.87 14.40 -13.19
N ARG A 332 -5.76 15.37 -12.93
CA ARG A 332 -5.51 16.78 -13.32
C ARG A 332 -4.24 17.37 -12.70
N ASP A 333 -4.01 17.02 -11.44
CA ASP A 333 -2.85 17.48 -10.69
C ASP A 333 -2.61 16.43 -9.60
N TRP A 334 -1.46 16.49 -8.95
CA TRP A 334 -1.09 15.49 -7.98
C TRP A 334 -1.85 15.51 -6.66
N PHE A 335 -2.59 16.59 -6.40
CA PHE A 335 -3.42 16.66 -5.25
C PHE A 335 -4.58 15.69 -5.46
N GLN A 336 -4.85 15.29 -6.72
CA GLN A 336 -5.92 14.31 -7.05
C GLN A 336 -5.45 12.82 -7.08
N LEU A 337 -4.28 12.55 -6.48
CA LEU A 337 -3.71 11.18 -6.50
C LEU A 337 -4.71 10.09 -6.14
N SER A 338 -5.51 10.30 -5.09
CA SER A 338 -6.49 9.32 -4.61
C SER A 338 -7.55 8.98 -5.64
N LEU A 339 -7.84 9.88 -6.58
CA LEU A 339 -8.73 9.57 -7.75
C LEU A 339 -8.36 8.26 -8.43
N LYS A 340 -7.07 8.11 -8.70
CA LYS A 340 -6.56 6.90 -9.24
C LYS A 340 -6.18 5.83 -8.15
N GLU A 341 -5.54 6.22 -7.04
CA GLU A 341 -5.16 5.25 -6.05
C GLU A 341 -6.26 4.69 -5.19
N GLY A 342 -7.17 5.51 -4.69
CA GLY A 342 -8.28 5.01 -3.87
C GLY A 342 -9.08 4.04 -4.69
N LEU A 343 -9.36 4.45 -5.92
CA LEU A 343 -10.24 3.69 -6.79
C LEU A 343 -9.54 2.43 -7.25
N THR A 344 -8.26 2.51 -7.56
CA THR A 344 -7.52 1.34 -8.01
C THR A 344 -7.23 0.40 -6.83
N VAL A 345 -6.94 0.88 -5.62
CA VAL A 345 -6.87 -0.04 -4.48
C VAL A 345 -8.24 -0.69 -4.25
N PHE A 346 -9.31 0.07 -4.34
CA PHE A 346 -10.64 -0.49 -4.15
C PHE A 346 -10.80 -1.65 -5.11
N ARG A 347 -10.40 -1.42 -6.37
CA ARG A 347 -10.44 -2.46 -7.41
C ARG A 347 -9.55 -3.67 -7.12
N ASP A 348 -8.30 -3.48 -6.66
CA ASP A 348 -7.46 -4.65 -6.32
C ASP A 348 -8.04 -5.41 -5.11
N GLN A 349 -8.67 -4.73 -4.16
CA GLN A 349 -9.30 -5.39 -3.03
C GLN A 349 -10.52 -6.23 -3.45
N GLU A 350 -11.44 -5.63 -4.21
CA GLU A 350 -12.51 -6.42 -4.88
C GLU A 350 -12.06 -7.66 -5.70
N PHE A 351 -10.97 -7.52 -6.41
CA PHE A 351 -10.42 -8.59 -7.23
C PHE A 351 -9.94 -9.74 -6.33
N SER A 352 -9.14 -9.42 -5.33
CA SER A 352 -8.67 -10.39 -4.32
C SER A 352 -9.83 -11.01 -3.57
N SER A 353 -10.81 -10.18 -3.21
CA SER A 353 -11.94 -10.65 -2.48
C SER A 353 -12.86 -11.56 -3.31
N ASP A 354 -13.07 -11.24 -4.60
CA ASP A 354 -13.90 -12.09 -5.48
C ASP A 354 -13.21 -13.43 -5.68
N LEU A 355 -11.95 -13.42 -6.08
CA LEU A 355 -11.17 -14.66 -6.31
C LEU A 355 -10.85 -15.49 -5.08
N GLY A 356 -10.53 -14.87 -3.96
CA GLY A 356 -10.24 -15.61 -2.69
C GLY A 356 -11.36 -15.51 -1.65
N SER A 357 -10.93 -15.38 -0.41
CA SER A 357 -11.82 -15.12 0.73
C SER A 357 -12.18 -13.65 0.87
N ARG A 358 -13.44 -13.30 0.66
CA ARG A 358 -13.82 -11.89 0.89
C ARG A 358 -13.54 -11.45 2.36
N ALA A 359 -13.94 -12.28 3.33
CA ALA A 359 -13.71 -11.97 4.74
C ALA A 359 -12.23 -11.79 5.08
N VAL A 360 -11.39 -12.69 4.63
CA VAL A 360 -9.98 -12.55 5.02
C VAL A 360 -9.39 -11.27 4.40
N ASN A 361 -9.76 -10.97 3.16
CA ASN A 361 -9.37 -9.70 2.56
C ASN A 361 -9.83 -8.53 3.38
N ARG A 362 -11.10 -8.52 3.74
CA ARG A 362 -11.64 -7.42 4.48
C ARG A 362 -10.94 -7.26 5.84
N ILE A 363 -10.70 -8.39 6.50
CA ILE A 363 -10.07 -8.38 7.79
C ILE A 363 -8.66 -7.74 7.70
N ASN A 364 -7.83 -8.18 6.76
CA ASN A 364 -6.50 -7.63 6.62
C ASN A 364 -6.44 -6.18 6.17
N ASN A 365 -7.38 -5.77 5.35
CA ASN A 365 -7.43 -4.36 4.97
C ASN A 365 -7.83 -3.51 6.18
N VAL A 366 -8.72 -4.03 7.01
CA VAL A 366 -9.12 -3.33 8.20
C VAL A 366 -7.99 -3.32 9.23
N ARG A 367 -7.23 -4.39 9.33
CA ARG A 367 -6.02 -4.37 10.21
C ARG A 367 -5.08 -3.24 9.83
N THR A 368 -4.88 -3.06 8.53
CA THR A 368 -3.98 -2.05 8.02
C THR A 368 -4.55 -0.69 8.30
N MET A 369 -5.85 -0.52 8.10
CA MET A 369 -6.49 0.76 8.40
C MET A 369 -6.31 1.16 9.87
N ARG A 370 -6.74 0.28 10.79
CA ARG A 370 -6.71 0.61 12.19
C ARG A 370 -5.30 0.66 12.83
N GLY A 371 -4.37 -0.09 12.27
CA GLY A 371 -3.04 -0.22 12.82
C GLY A 371 -1.92 0.63 12.28
N LEU A 372 -2.01 1.02 11.00
CA LEU A 372 -1.02 1.88 10.41
C LEU A 372 -1.60 3.20 9.94
N GLN A 373 -2.72 3.15 9.24
CA GLN A 373 -3.29 4.36 8.70
C GLN A 373 -3.81 5.30 9.77
N PHE A 374 -4.49 4.78 10.76
CA PHE A 374 -4.96 5.59 11.91
C PHE A 374 -3.81 6.29 12.61
N ALA A 375 -2.67 5.63 12.68
CA ALA A 375 -1.49 6.25 13.25
C ALA A 375 -1.07 7.41 12.38
N GLU A 376 -1.11 7.26 11.05
CA GLU A 376 -0.70 8.33 10.17
C GLU A 376 -1.64 9.57 10.30
N ASP A 377 -2.93 9.30 10.46
CA ASP A 377 -3.94 10.39 10.54
C ASP A 377 -3.96 11.08 11.94
N ALA A 378 -3.14 10.59 12.87
CA ALA A 378 -2.96 11.28 14.14
C ALA A 378 -1.56 11.87 14.23
N SER A 379 -0.79 11.78 13.15
CA SER A 379 0.61 12.10 13.15
C SER A 379 0.83 13.49 12.59
N PRO A 380 2.05 13.99 12.72
CA PRO A 380 2.35 15.25 12.06
C PRO A 380 2.20 15.20 10.53
N MET A 381 2.23 14.01 9.94
CA MET A 381 2.07 13.93 8.50
C MET A 381 0.64 13.80 8.06
N ALA A 382 -0.30 13.88 9.00
CA ALA A 382 -1.74 13.75 8.69
C ALA A 382 -2.19 14.59 7.50
N HIS A 383 -2.99 14.02 6.63
CA HIS A 383 -3.52 14.76 5.50
C HIS A 383 -4.79 14.18 5.00
N PRO A 384 -5.62 15.00 4.36
CA PRO A 384 -6.82 14.42 3.75
C PRO A 384 -6.43 13.59 2.53
N ILE A 385 -7.30 12.69 2.13
CA ILE A 385 -7.05 11.85 0.95
C ILE A 385 -6.81 12.66 -0.30
N ARG A 386 -7.40 13.86 -0.38
CA ARG A 386 -6.98 14.90 -1.34
C ARG A 386 -6.21 15.97 -0.60
N PRO A 387 -4.88 15.89 -0.63
CA PRO A 387 -4.16 16.89 0.13
C PRO A 387 -4.38 18.36 -0.38
N ASP A 388 -4.23 19.31 0.56
CA ASP A 388 -4.35 20.73 0.27
C ASP A 388 -3.00 21.39 0.08
N MET A 389 -1.95 20.80 0.65
CA MET A 389 -0.61 21.29 0.53
C MET A 389 0.43 20.12 0.48
N VAL A 390 1.43 20.31 -0.38
CA VAL A 390 2.49 19.36 -0.62
C VAL A 390 3.84 20.11 -0.85
N ILE A 391 4.90 19.66 -0.18
CA ILE A 391 6.25 20.13 -0.49
C ILE A 391 6.93 19.15 -1.47
N GLU A 392 7.02 17.89 -1.07
CA GLU A 392 7.52 16.83 -1.93
C GLU A 392 6.40 15.78 -2.16
N MET A 393 5.85 15.71 -3.38
CA MET A 393 4.73 14.83 -3.72
C MET A 393 5.03 13.36 -3.45
N ASN A 394 6.27 12.92 -3.57
CA ASN A 394 6.57 11.55 -3.25
C ASN A 394 6.24 11.19 -1.81
N ASN A 395 6.18 12.19 -0.94
CA ASN A 395 5.70 11.99 0.46
C ASN A 395 4.22 11.64 0.58
N PHE A 396 3.44 11.74 -0.50
CA PHE A 396 2.02 11.58 -0.41
C PHE A 396 1.53 10.27 -1.07
N TYR A 397 2.47 9.36 -1.33
CA TYR A 397 2.15 8.01 -1.75
C TYR A 397 1.97 7.22 -0.45
N THR A 398 0.78 7.40 0.13
CA THR A 398 0.56 7.06 1.54
C THR A 398 -0.59 6.08 1.84
N LEU A 399 -0.56 5.53 3.05
CA LEU A 399 -1.58 4.69 3.58
C LEU A 399 -2.87 5.45 3.47
N THR A 400 -2.81 6.75 3.79
CA THR A 400 -4.00 7.56 3.76
C THR A 400 -4.53 7.60 2.31
N VAL A 401 -3.69 8.01 1.38
CA VAL A 401 -4.13 8.21 -0.01
C VAL A 401 -4.62 6.91 -0.65
N TYR A 402 -3.88 5.84 -0.36
CA TYR A 402 -4.18 4.51 -0.87
C TYR A 402 -5.37 3.81 -0.07
N GLU A 403 -5.17 3.58 1.21
CA GLU A 403 -6.06 2.70 1.98
C GLU A 403 -7.25 3.45 2.47
N LYS A 404 -7.06 4.60 3.08
CA LYS A 404 -8.20 5.40 3.40
C LYS A 404 -8.92 5.78 2.10
N GLY A 405 -8.15 6.03 1.02
CA GLY A 405 -8.76 6.36 -0.25
C GLY A 405 -9.77 5.32 -0.68
N ALA A 406 -9.35 4.09 -0.56
CA ALA A 406 -10.16 2.97 -0.98
C ALA A 406 -11.41 2.83 -0.08
N GLU A 407 -11.23 3.03 1.23
CA GLU A 407 -12.36 3.08 2.18
C GLU A 407 -13.42 4.10 1.76
N VAL A 408 -12.95 5.26 1.30
CA VAL A 408 -13.84 6.28 0.82
C VAL A 408 -14.59 5.80 -0.44
N ILE A 409 -13.89 5.18 -1.37
CA ILE A 409 -14.55 4.59 -2.51
C ILE A 409 -15.51 3.49 -2.03
N ARG A 410 -15.09 2.61 -1.10
CA ARG A 410 -15.97 1.56 -0.60
C ARG A 410 -17.23 2.14 0.07
N MET A 411 -17.09 3.25 0.77
CA MET A 411 -18.26 3.95 1.34
C MET A 411 -19.23 4.43 0.27
N ILE A 412 -18.75 5.00 -0.86
CA ILE A 412 -19.65 5.34 -1.97
C ILE A 412 -20.41 4.07 -2.47
N HIS A 413 -19.70 2.95 -2.55
CA HIS A 413 -20.29 1.66 -2.97
C HIS A 413 -21.36 1.20 -1.98
N THR A 414 -21.05 1.35 -0.70
CA THR A 414 -21.97 1.02 0.36
C THR A 414 -23.24 1.90 0.25
N LEU A 415 -23.04 3.19 -0.03
CA LEU A 415 -24.19 4.06 -0.16
C LEU A 415 -24.98 3.77 -1.45
N LEU A 416 -24.31 3.48 -2.57
CA LEU A 416 -25.04 3.35 -3.87
C LEU A 416 -25.53 1.94 -4.17
N GLY A 417 -24.82 0.92 -3.68
CA GLY A 417 -25.04 -0.45 -4.13
C GLY A 417 -24.29 -0.69 -5.41
N GLU A 418 -24.11 -1.95 -5.74
CA GLU A 418 -23.28 -2.31 -6.91
C GLU A 418 -23.86 -1.80 -8.25
N GLU A 419 -25.17 -1.81 -8.43
CA GLU A 419 -25.73 -1.49 -9.74
C GLU A 419 -25.47 0.00 -10.02
N ASN A 420 -25.76 0.84 -9.02
CA ASN A 420 -25.53 2.25 -9.13
C ASN A 420 -24.08 2.63 -9.19
N PHE A 421 -23.25 1.91 -8.44
CA PHE A 421 -21.83 2.14 -8.46
C PHE A 421 -21.30 1.89 -9.89
N GLN A 422 -21.79 0.84 -10.54
CA GLN A 422 -21.31 0.50 -11.86
C GLN A 422 -21.75 1.52 -12.89
N LYS A 423 -22.97 2.02 -12.71
CA LYS A 423 -23.46 3.12 -13.53
C LYS A 423 -22.61 4.36 -13.34
N GLY A 424 -22.23 4.67 -12.10
CA GLY A 424 -21.32 5.77 -11.87
C GLY A 424 -19.97 5.54 -12.53
N MET A 425 -19.44 4.32 -12.46
CA MET A 425 -18.20 4.02 -13.14
C MET A 425 -18.34 4.31 -14.62
N GLN A 426 -19.40 3.79 -15.21
CA GLN A 426 -19.67 4.03 -16.63
C GLN A 426 -19.76 5.53 -16.99
N LEU A 427 -20.47 6.30 -16.17
CA LEU A 427 -20.57 7.74 -16.41
C LEU A 427 -19.24 8.45 -16.33
N TYR A 428 -18.44 8.08 -15.34
CA TYR A 428 -17.10 8.61 -15.17
C TYR A 428 -16.26 8.40 -16.45
N PHE A 429 -16.26 7.20 -16.98
CA PHE A 429 -15.48 6.92 -18.18
C PHE A 429 -16.09 7.64 -19.38
N GLU A 430 -17.41 7.61 -19.49
CA GLU A 430 -18.07 8.27 -20.60
C GLU A 430 -17.71 9.76 -20.65
N ARG A 431 -17.76 10.44 -19.51
CA ARG A 431 -17.30 11.83 -19.44
C ARG A 431 -15.79 12.08 -19.53
N HIS A 432 -14.95 11.23 -18.94
CA HIS A 432 -13.54 11.61 -18.74
C HIS A 432 -12.48 10.82 -19.46
N ASP A 433 -12.87 9.76 -20.12
CA ASP A 433 -11.99 9.00 -21.04
C ASP A 433 -11.13 9.91 -21.89
N GLY A 434 -9.84 9.69 -21.85
CA GLY A 434 -8.93 10.47 -22.65
C GLY A 434 -8.55 11.78 -22.01
N SER A 435 -8.98 12.08 -20.79
CA SER A 435 -8.59 13.32 -20.18
C SER A 435 -8.11 13.09 -18.72
N ALA A 436 -7.72 14.18 -18.07
CA ALA A 436 -7.27 14.26 -16.65
C ALA A 436 -8.41 14.81 -15.82
N ALA A 437 -8.76 14.16 -14.71
CA ALA A 437 -9.91 14.56 -13.92
C ALA A 437 -9.56 14.79 -12.46
N THR A 438 -10.60 15.13 -11.71
CA THR A 438 -10.41 15.41 -10.29
C THR A 438 -11.19 14.43 -9.47
N CYS A 439 -10.80 14.33 -8.21
CA CYS A 439 -11.65 13.63 -7.24
C CYS A 439 -13.08 14.09 -7.35
N ASP A 440 -13.29 15.39 -7.43
CA ASP A 440 -14.65 15.93 -7.46
C ASP A 440 -15.44 15.50 -8.72
N ASP A 441 -14.78 15.40 -9.88
CA ASP A 441 -15.38 14.86 -11.08
C ASP A 441 -15.93 13.46 -10.85
N PHE A 442 -15.22 12.67 -10.06
CA PHE A 442 -15.57 11.26 -9.94
C PHE A 442 -16.80 11.12 -9.02
N VAL A 443 -16.72 11.79 -7.89
CA VAL A 443 -17.84 11.88 -6.99
C VAL A 443 -19.07 12.43 -7.72
N GLN A 444 -18.85 13.44 -8.55
CA GLN A 444 -19.93 13.98 -9.36
C GLN A 444 -20.55 12.94 -10.33
N ALA A 445 -19.72 12.12 -10.97
CA ALA A 445 -20.26 11.06 -11.81
C ALA A 445 -21.07 10.02 -11.03
N MET A 446 -20.60 9.66 -9.85
CA MET A 446 -21.37 8.75 -8.97
C MET A 446 -22.73 9.33 -8.54
N GLU A 447 -22.73 10.59 -8.16
CA GLU A 447 -23.91 11.30 -7.77
C GLU A 447 -24.90 11.42 -8.93
N ASP A 448 -24.49 11.89 -10.11
CA ASP A 448 -25.39 12.05 -11.28
C ASP A 448 -25.96 10.73 -11.78
N ALA A 449 -25.16 9.70 -11.78
CA ALA A 449 -25.57 8.42 -12.32
C ALA A 449 -26.56 7.74 -11.36
N SER A 450 -26.31 7.92 -10.07
CA SER A 450 -27.03 7.17 -9.05
C SER A 450 -28.27 7.87 -8.55
N ASN A 451 -28.28 9.18 -8.63
CA ASN A 451 -29.25 10.03 -7.95
C ASN A 451 -29.16 9.95 -6.43
N VAL A 452 -28.00 9.59 -5.89
CA VAL A 452 -27.71 9.73 -4.48
C VAL A 452 -26.91 11.01 -4.24
N ASP A 453 -27.34 11.82 -3.29
CA ASP A 453 -26.67 13.10 -2.97
C ASP A 453 -25.41 12.84 -2.17
N LEU A 454 -24.27 13.24 -2.75
CA LEU A 454 -22.91 13.08 -2.14
C LEU A 454 -22.19 14.40 -1.82
N SER A 455 -22.97 15.48 -1.75
CA SER A 455 -22.48 16.79 -1.34
C SER A 455 -21.78 16.75 -0.04
N HIS A 456 -22.45 16.20 0.93
CA HIS A 456 -21.92 16.18 2.25
C HIS A 456 -20.78 15.15 2.27
N PHE A 457 -21.02 14.05 1.57
CA PHE A 457 -19.97 13.00 1.41
C PHE A 457 -18.64 13.56 0.96
N ARG A 458 -18.64 14.57 0.09
CA ARG A 458 -17.37 15.15 -0.41
C ARG A 458 -16.41 15.64 0.70
N ARG A 459 -16.96 15.87 1.87
CA ARG A 459 -16.14 16.26 2.99
C ARG A 459 -15.10 15.20 3.40
N TRP A 460 -15.32 13.91 3.09
CA TRP A 460 -14.22 12.92 3.23
C TRP A 460 -12.92 13.22 2.46
N TYR A 461 -13.06 13.94 1.35
CA TYR A 461 -11.89 14.30 0.55
C TYR A 461 -11.10 15.45 1.15
N SER A 462 -11.77 16.31 1.93
CA SER A 462 -11.13 17.56 2.45
C SER A 462 -10.73 17.54 3.87
N GLN A 463 -11.22 16.59 4.64
CA GLN A 463 -10.94 16.56 6.04
C GLN A 463 -10.05 15.39 6.39
N SER A 464 -9.00 15.67 7.17
CA SER A 464 -8.06 14.69 7.69
C SER A 464 -8.46 14.17 9.08
N GLY A 465 -7.83 13.09 9.53
CA GLY A 465 -8.08 12.49 10.85
C GLY A 465 -9.18 11.42 10.88
N THR A 466 -9.15 10.62 11.93
CA THR A 466 -10.08 9.51 12.10
C THR A 466 -11.28 10.00 12.92
N PRO A 467 -12.46 10.00 12.34
CA PRO A 467 -13.64 10.29 13.17
C PRO A 467 -13.84 9.24 14.29
N ILE A 468 -14.39 9.67 15.40
CA ILE A 468 -14.74 8.79 16.50
C ILE A 468 -16.26 8.75 16.57
N VAL A 469 -16.84 7.58 16.35
CA VAL A 469 -18.29 7.40 16.45
C VAL A 469 -18.69 6.72 17.77
N THR A 470 -19.46 7.42 18.59
CA THR A 470 -19.87 6.94 19.88
C THR A 470 -21.31 6.47 19.79
N VAL A 471 -21.61 5.33 20.37
CA VAL A 471 -22.95 4.80 20.28
C VAL A 471 -23.53 4.42 21.66
N LYS A 472 -24.77 4.80 21.87
CA LYS A 472 -25.49 4.48 23.10
C LYS A 472 -26.79 3.84 22.70
N ASP A 473 -27.24 2.84 23.46
CA ASP A 473 -28.49 2.20 23.10
C ASP A 473 -29.48 2.04 24.23
N ASP A 474 -30.71 1.75 23.84
CA ASP A 474 -31.77 1.64 24.77
C ASP A 474 -32.81 0.68 24.21
N TYR A 475 -33.20 -0.28 25.04
CA TYR A 475 -34.30 -1.13 24.67
C TYR A 475 -35.50 -0.82 25.58
N ASN A 476 -36.62 -0.54 24.95
CA ASN A 476 -37.90 -0.34 25.58
C ASN A 476 -38.84 -1.54 25.33
N PRO A 477 -39.03 -2.37 26.39
CA PRO A 477 -39.91 -3.54 26.31
C PRO A 477 -41.42 -3.20 26.19
N GLU A 478 -41.87 -2.09 26.76
CA GLU A 478 -43.28 -1.65 26.58
C GLU A 478 -43.64 -1.50 25.12
N THR A 479 -42.80 -0.75 24.39
CA THR A 479 -43.01 -0.41 23.00
C THR A 479 -42.29 -1.28 21.99
N GLU A 480 -41.46 -2.22 22.42
CA GLU A 480 -40.60 -2.99 21.50
C GLU A 480 -39.80 -2.10 20.53
N GLN A 481 -39.15 -1.07 21.11
CA GLN A 481 -38.27 -0.17 20.39
C GLN A 481 -36.87 -0.20 20.90
N TYR A 482 -35.95 -0.16 19.93
CA TYR A 482 -34.52 -0.10 20.18
C TYR A 482 -34.11 1.26 19.67
N THR A 483 -33.48 2.04 20.53
CA THR A 483 -33.00 3.35 20.19
C THR A 483 -31.46 3.41 20.17
N LEU A 484 -30.90 3.89 19.06
CA LEU A 484 -29.49 4.18 18.94
C LEU A 484 -29.30 5.64 18.91
N THR A 485 -28.51 6.13 19.84
CA THR A 485 -28.04 7.49 19.84
C THR A 485 -26.57 7.47 19.42
N ILE A 486 -26.28 8.07 18.27
CA ILE A 486 -24.97 7.97 17.61
C ILE A 486 -24.47 9.36 17.50
N SER A 487 -23.23 9.55 17.91
CA SER A 487 -22.63 10.84 17.86
C SER A 487 -21.26 10.70 17.22
N GLN A 488 -20.75 11.74 16.62
CA GLN A 488 -19.44 11.67 15.92
C GLN A 488 -18.69 12.93 16.24
N ARG A 489 -17.39 12.79 16.31
CA ARG A 489 -16.50 13.93 16.21
C ARG A 489 -15.16 13.51 15.63
N THR A 490 -14.57 14.38 14.83
CA THR A 490 -13.16 14.27 14.54
C THR A 490 -12.31 15.23 15.38
N PRO A 491 -11.33 14.69 16.12
CA PRO A 491 -10.37 15.55 16.77
C PRO A 491 -9.55 16.37 15.81
N ALA A 492 -9.07 17.51 16.30
CA ALA A 492 -8.21 18.36 15.49
C ALA A 492 -6.94 17.61 15.21
N THR A 493 -6.38 17.86 14.03
CA THR A 493 -5.13 17.22 13.61
C THR A 493 -4.06 18.25 13.44
N PRO A 494 -2.81 17.83 13.37
CA PRO A 494 -1.79 18.82 13.17
C PRO A 494 -2.00 19.65 11.94
N ASP A 495 -2.63 19.12 10.89
CA ASP A 495 -2.81 19.94 9.66
C ASP A 495 -4.08 20.77 9.64
N GLN A 496 -5.07 20.47 10.47
CA GLN A 496 -6.37 21.14 10.40
C GLN A 496 -6.94 21.38 11.80
N ALA A 497 -7.32 22.62 12.08
CA ALA A 497 -7.91 22.99 13.37
C ALA A 497 -9.42 22.87 13.30
N GLU A 498 -10.00 23.00 12.10
CA GLU A 498 -11.41 22.96 11.95
C GLU A 498 -11.88 21.59 11.47
N LYS A 499 -12.84 21.00 12.17
CA LYS A 499 -13.38 19.69 11.82
C LYS A 499 -14.90 19.82 11.84
N GLN A 500 -15.54 19.14 10.90
CA GLN A 500 -16.97 19.13 10.81
C GLN A 500 -17.46 17.71 10.66
N PRO A 501 -18.77 17.49 10.87
CA PRO A 501 -19.33 16.17 10.77
C PRO A 501 -19.36 15.67 9.35
N LEU A 502 -19.11 14.36 9.18
CA LEU A 502 -19.09 13.66 7.92
C LEU A 502 -20.37 12.90 7.69
N HIS A 503 -20.56 12.48 6.46
CA HIS A 503 -21.64 11.56 6.09
C HIS A 503 -21.14 10.13 6.26
N ILE A 504 -21.49 9.51 7.40
CA ILE A 504 -20.92 8.23 7.81
C ILE A 504 -21.92 7.11 7.54
N PRO A 505 -21.66 6.25 6.53
CA PRO A 505 -22.53 5.07 6.40
C PRO A 505 -22.26 4.08 7.50
N PHE A 506 -23.27 3.89 8.33
CA PHE A 506 -23.12 3.17 9.60
C PHE A 506 -24.03 1.94 9.57
N ALA A 507 -23.44 0.80 9.18
CA ALA A 507 -24.16 -0.48 8.99
C ALA A 507 -24.41 -1.22 10.32
N ILE A 508 -25.66 -1.66 10.52
CA ILE A 508 -26.02 -2.44 11.70
C ILE A 508 -26.79 -3.70 11.34
N GLU A 509 -26.67 -4.68 12.24
CA GLU A 509 -27.60 -5.79 12.42
C GLU A 509 -28.00 -5.99 13.88
N LEU A 510 -29.24 -6.31 14.13
CA LEU A 510 -29.74 -6.59 15.46
C LEU A 510 -30.00 -8.08 15.55
N TYR A 511 -29.34 -8.77 16.50
CA TYR A 511 -29.58 -10.22 16.75
C TYR A 511 -30.49 -10.48 17.95
N ASP A 512 -31.33 -11.50 17.85
CA ASP A 512 -32.17 -11.92 18.99
C ASP A 512 -31.42 -13.00 19.78
N ASN A 513 -32.04 -13.49 20.85
CA ASN A 513 -31.41 -14.49 21.75
C ASN A 513 -31.09 -15.82 21.14
N GLU A 514 -31.64 -16.14 19.98
CA GLU A 514 -31.23 -17.34 19.28
C GLU A 514 -30.14 -17.15 18.23
N GLY A 515 -29.66 -15.93 18.01
CA GLY A 515 -28.70 -15.62 16.94
C GLY A 515 -29.32 -15.24 15.60
N LYS A 516 -30.64 -15.01 15.56
CA LYS A 516 -31.36 -14.65 14.31
C LYS A 516 -31.44 -13.14 14.17
N VAL A 517 -31.43 -12.67 12.92
CA VAL A 517 -31.45 -11.26 12.61
C VAL A 517 -32.85 -10.72 12.82
N ILE A 518 -32.99 -9.70 13.66
CA ILE A 518 -34.25 -8.99 13.82
C ILE A 518 -34.41 -8.01 12.63
N PRO A 519 -35.56 -8.07 11.93
CA PRO A 519 -35.72 -7.17 10.78
C PRO A 519 -35.78 -5.71 11.20
N LEU A 520 -35.08 -4.85 10.47
CA LEU A 520 -35.05 -3.44 10.83
C LEU A 520 -36.29 -2.73 10.32
N GLN A 521 -37.02 -2.06 11.19
CA GLN A 521 -38.18 -1.36 10.73
C GLN A 521 -38.58 -0.21 11.59
N LYS A 522 -39.47 0.61 11.04
CA LYS A 522 -39.89 1.85 11.66
C LYS A 522 -41.27 2.21 11.08
N GLY A 523 -42.24 2.48 11.96
CA GLY A 523 -43.61 2.81 11.58
C GLY A 523 -44.32 1.79 10.70
N GLY A 524 -43.93 0.53 10.79
CA GLY A 524 -44.48 -0.51 9.93
C GLY A 524 -43.88 -0.67 8.52
N HIS A 525 -42.76 0.02 8.23
CA HIS A 525 -42.03 -0.17 6.97
C HIS A 525 -40.53 -0.47 7.20
N PRO A 526 -39.94 -1.41 6.40
CA PRO A 526 -38.50 -1.67 6.38
C PRO A 526 -37.62 -0.46 6.35
N VAL A 527 -36.52 -0.51 7.06
CA VAL A 527 -35.57 0.55 7.11
C VAL A 527 -34.29 -0.07 6.59
N ASN A 528 -33.55 0.69 5.79
CA ASN A 528 -32.26 0.23 5.34
C ASN A 528 -31.30 0.07 6.56
N SER A 529 -30.47 -0.96 6.50
CA SER A 529 -29.57 -1.29 7.56
C SER A 529 -28.25 -0.47 7.58
N VAL A 530 -28.02 0.37 6.55
CA VAL A 530 -26.92 1.32 6.46
C VAL A 530 -27.50 2.64 6.85
N LEU A 531 -27.14 3.09 8.04
CA LEU A 531 -27.68 4.32 8.58
C LEU A 531 -26.86 5.48 8.11
N ASN A 532 -27.53 6.58 7.78
CA ASN A 532 -26.85 7.80 7.39
C ASN A 532 -26.58 8.67 8.59
N VAL A 533 -25.39 8.54 9.13
CA VAL A 533 -25.02 9.23 10.30
C VAL A 533 -24.35 10.47 9.76
N THR A 534 -25.17 11.53 9.62
CA THR A 534 -24.71 12.81 9.02
C THR A 534 -24.55 13.97 9.98
N GLN A 535 -24.78 13.79 11.28
CA GLN A 535 -24.87 14.89 12.22
C GLN A 535 -23.92 14.67 13.36
N ALA A 536 -23.64 15.70 14.14
CA ALA A 536 -22.81 15.56 15.37
C ALA A 536 -23.44 14.58 16.35
N GLU A 537 -24.77 14.61 16.38
CA GLU A 537 -25.54 13.72 17.20
C GLU A 537 -26.89 13.45 16.57
N GLN A 538 -27.33 12.21 16.59
CA GLN A 538 -28.70 11.87 16.16
C GLN A 538 -29.15 10.58 16.84
N THR A 539 -30.44 10.34 16.72
CA THR A 539 -31.11 9.24 17.32
C THR A 539 -31.86 8.43 16.25
N PHE A 540 -31.71 7.11 16.24
CA PHE A 540 -32.52 6.24 15.36
C PHE A 540 -33.35 5.33 16.23
N VAL A 541 -34.61 5.17 15.88
CA VAL A 541 -35.55 4.36 16.62
C VAL A 541 -36.08 3.26 15.71
N PHE A 542 -35.94 2.02 16.17
CA PHE A 542 -36.43 0.87 15.48
C PHE A 542 -37.62 0.28 16.24
N ASP A 543 -38.64 -0.16 15.51
CA ASP A 543 -39.92 -0.79 16.02
C ASP A 543 -39.89 -2.29 15.85
N ASN A 544 -40.82 -2.96 16.55
CA ASN A 544 -40.99 -4.40 16.44
C ASN A 544 -39.67 -5.10 16.68
N VAL A 545 -38.96 -4.63 17.70
CA VAL A 545 -37.74 -5.28 18.14
C VAL A 545 -38.22 -6.20 19.28
N TYR A 546 -38.49 -7.42 18.90
CA TYR A 546 -39.31 -8.30 19.74
C TYR A 546 -38.51 -8.85 20.92
N PHE A 547 -37.23 -8.61 20.94
CA PHE A 547 -36.36 -9.09 21.96
C PHE A 547 -35.22 -8.11 22.05
N GLN A 548 -34.70 -7.91 23.24
CA GLN A 548 -33.57 -6.98 23.44
C GLN A 548 -32.39 -7.44 22.60
N PRO A 549 -31.95 -6.63 21.62
CA PRO A 549 -30.94 -7.14 20.73
C PRO A 549 -29.50 -7.05 21.23
N VAL A 550 -28.65 -7.91 20.69
CA VAL A 550 -27.22 -7.68 20.62
C VAL A 550 -26.92 -7.11 19.23
N PRO A 551 -26.27 -5.95 19.16
CA PRO A 551 -26.00 -5.34 17.85
C PRO A 551 -24.66 -5.66 17.26
N ALA A 552 -24.60 -5.76 15.95
CA ALA A 552 -23.33 -5.66 15.23
C ALA A 552 -23.29 -4.23 14.72
N LEU A 553 -22.34 -3.46 15.21
CA LEU A 553 -22.19 -2.07 14.85
C LEU A 553 -21.05 -1.93 13.87
N LEU A 554 -21.19 -0.98 12.94
CA LEU A 554 -20.17 -0.68 11.93
C LEU A 554 -19.81 -1.94 11.08
N CYS A 555 -20.83 -2.65 10.64
CA CYS A 555 -20.62 -3.91 9.96
C CYS A 555 -19.73 -3.78 8.76
N GLU A 556 -18.76 -4.67 8.71
CA GLU A 556 -17.74 -4.69 7.68
C GLU A 556 -16.92 -3.45 7.57
N PHE A 557 -16.80 -2.76 8.72
CA PHE A 557 -16.07 -1.55 8.85
C PHE A 557 -16.62 -0.59 7.80
N SER A 558 -17.90 -0.31 7.97
CA SER A 558 -18.65 0.39 6.92
C SER A 558 -18.21 1.82 6.72
N ALA A 559 -17.47 2.38 7.68
CA ALA A 559 -16.84 3.70 7.55
C ALA A 559 -15.54 3.62 8.31
N PRO A 560 -14.51 4.38 7.89
CA PRO A 560 -13.20 4.24 8.52
C PRO A 560 -13.15 5.11 9.77
N VAL A 561 -13.73 4.57 10.83
CA VAL A 561 -13.91 5.31 12.05
C VAL A 561 -13.51 4.50 13.27
N LYS A 562 -13.21 5.18 14.37
CA LYS A 562 -13.11 4.50 15.69
C LYS A 562 -14.51 4.38 16.27
N LEU A 563 -14.90 3.21 16.73
CA LEU A 563 -16.23 2.99 17.32
C LEU A 563 -16.09 3.04 18.80
N GLU A 564 -16.90 3.79 19.50
CA GLU A 564 -16.90 3.76 21.00
C GLU A 564 -18.28 3.25 21.39
N TYR A 565 -18.31 2.02 21.85
CA TYR A 565 -19.51 1.45 22.40
C TYR A 565 -19.13 0.61 23.60
N LYS A 566 -19.97 0.66 24.61
CA LYS A 566 -19.71 -0.04 25.85
C LYS A 566 -20.20 -1.48 25.75
N TRP A 567 -19.47 -2.31 25.03
CA TRP A 567 -19.77 -3.75 24.93
C TRP A 567 -19.57 -4.50 26.25
N SER A 568 -20.48 -5.42 26.58
CA SER A 568 -20.17 -6.51 27.54
C SER A 568 -19.37 -7.58 26.82
N ASP A 569 -18.56 -8.32 27.58
CA ASP A 569 -17.90 -9.50 27.05
C ASP A 569 -18.85 -10.51 26.46
N GLN A 570 -20.03 -10.64 27.06
CA GLN A 570 -21.02 -11.63 26.60
C GLN A 570 -21.58 -11.21 25.23
N GLN A 571 -21.83 -9.91 25.05
CA GLN A 571 -22.22 -9.42 23.76
C GLN A 571 -21.18 -9.80 22.70
N LEU A 572 -19.90 -9.64 23.04
CA LEU A 572 -18.85 -9.94 22.08
C LEU A 572 -18.74 -11.44 21.76
N THR A 573 -18.82 -12.30 22.76
CA THR A 573 -18.72 -13.73 22.49
C THR A 573 -20.00 -14.21 21.79
N PHE A 574 -21.15 -13.68 22.16
CA PHE A 574 -22.38 -13.90 21.42
C PHE A 574 -22.14 -13.62 19.90
N LEU A 575 -21.57 -12.47 19.56
CA LEU A 575 -21.30 -12.14 18.17
C LEU A 575 -20.32 -13.09 17.54
N MET A 576 -19.30 -13.51 18.27
CA MET A 576 -18.34 -14.50 17.75
C MET A 576 -19.04 -15.82 17.34
N ARG A 577 -20.09 -16.23 18.08
CA ARG A 577 -20.83 -17.47 17.81
C ARG A 577 -21.89 -17.25 16.73
N HIS A 578 -22.59 -16.11 16.70
CA HIS A 578 -23.79 -15.97 15.90
C HIS A 578 -23.78 -14.97 14.76
N ALA A 579 -22.76 -14.12 14.62
CA ALA A 579 -22.86 -13.03 13.66
C ALA A 579 -22.91 -13.59 12.27
N ARG A 580 -23.85 -13.13 11.47
CA ARG A 580 -23.95 -13.50 10.04
C ARG A 580 -22.69 -13.33 9.24
N ASN A 581 -22.11 -12.14 9.27
CA ASN A 581 -20.92 -11.90 8.52
C ASN A 581 -19.69 -12.35 9.32
N ASP A 582 -18.82 -13.11 8.64
CA ASP A 582 -17.56 -13.52 9.18
C ASP A 582 -16.71 -12.38 9.68
N PHE A 583 -16.74 -11.23 9.02
CA PHE A 583 -15.86 -10.17 9.44
C PHE A 583 -16.27 -9.71 10.85
N SER A 584 -17.58 -9.71 11.13
CA SER A 584 -18.10 -9.28 12.43
C SER A 584 -17.69 -10.20 13.56
N ARG A 585 -17.53 -11.47 13.24
CA ARG A 585 -17.13 -12.44 14.24
C ARG A 585 -15.69 -12.15 14.64
N TRP A 586 -14.83 -11.92 13.66
CA TRP A 586 -13.46 -11.52 13.87
C TRP A 586 -13.39 -10.22 14.68
N ASP A 587 -14.21 -9.28 14.28
CA ASP A 587 -14.13 -7.93 14.81
C ASP A 587 -14.60 -7.91 16.28
N ALA A 588 -15.69 -8.61 16.56
CA ALA A 588 -16.11 -8.87 17.93
C ALA A 588 -14.98 -9.42 18.77
N ALA A 589 -14.26 -10.37 18.20
CA ALA A 589 -13.11 -10.95 18.91
C ALA A 589 -12.01 -9.96 19.16
N GLN A 590 -11.85 -9.02 18.24
CA GLN A 590 -10.82 -8.01 18.43
C GLN A 590 -11.18 -7.05 19.55
N SER A 591 -12.47 -6.78 19.68
CA SER A 591 -12.95 -5.92 20.70
C SER A 591 -12.84 -6.65 22.05
N LEU A 592 -13.11 -7.95 22.06
CA LEU A 592 -12.92 -8.73 23.23
C LEU A 592 -11.44 -8.67 23.72
N LEU A 593 -10.51 -8.90 22.81
CA LEU A 593 -9.10 -8.84 23.19
C LEU A 593 -8.61 -7.44 23.55
N ALA A 594 -9.19 -6.43 22.91
CA ALA A 594 -8.73 -5.06 23.11
C ALA A 594 -8.84 -4.66 24.58
N THR A 595 -9.97 -5.01 25.23
CA THR A 595 -10.14 -4.66 26.64
C THR A 595 -8.97 -5.24 27.50
N TYR A 596 -8.57 -6.48 27.17
CA TYR A 596 -7.61 -7.23 27.96
C TYR A 596 -6.19 -6.87 27.62
N ILE A 597 -5.92 -6.50 26.37
CA ILE A 597 -4.65 -5.90 26.00
C ILE A 597 -4.37 -4.63 26.85
N LYS A 598 -5.36 -3.74 26.92
CA LYS A 598 -5.26 -2.53 27.70
C LYS A 598 -5.02 -2.83 29.18
N LEU A 599 -5.85 -3.72 29.72
CA LEU A 599 -5.69 -4.14 31.08
C LEU A 599 -4.26 -4.59 31.33
N ASN A 600 -3.78 -5.48 30.49
CA ASN A 600 -2.46 -6.08 30.73
C ASN A 600 -1.26 -5.18 30.43
N VAL A 601 -1.40 -4.23 29.51
CA VAL A 601 -0.40 -3.16 29.36
C VAL A 601 -0.25 -2.35 30.69
N ALA A 602 -1.38 -1.97 31.30
CA ALA A 602 -1.42 -1.33 32.64
C ALA A 602 -0.79 -2.18 33.76
N ARG A 603 -1.07 -3.45 33.72
CA ARG A 603 -0.51 -4.39 34.63
C ARG A 603 0.98 -4.43 34.44
N HIS A 604 1.42 -4.54 33.18
CA HIS A 604 2.85 -4.66 32.88
C HIS A 604 3.61 -3.49 33.49
N GLN A 605 3.03 -2.31 33.40
CA GLN A 605 3.64 -1.12 33.91
C GLN A 605 3.79 -1.13 35.41
N GLN A 606 2.95 -1.85 36.12
CA GLN A 606 3.04 -1.97 37.56
C GLN A 606 3.84 -3.22 37.97
N GLY A 607 4.52 -3.92 37.08
CA GLY A 607 5.15 -5.22 37.42
C GLY A 607 4.22 -6.42 37.63
N GLN A 608 3.00 -6.37 37.11
CA GLN A 608 2.11 -7.48 37.38
C GLN A 608 2.07 -8.48 36.23
N PRO A 609 1.82 -9.74 36.54
CA PRO A 609 1.67 -10.72 35.43
C PRO A 609 0.32 -10.62 34.72
N LEU A 610 0.20 -11.31 33.59
CA LEU A 610 -1.00 -11.29 32.79
C LEU A 610 -2.21 -11.73 33.64
N SER A 611 -3.35 -11.08 33.50
CA SER A 611 -4.63 -11.55 34.00
C SER A 611 -5.59 -11.66 32.81
N LEU A 612 -6.39 -12.69 32.78
CA LEU A 612 -7.32 -12.96 31.67
C LEU A 612 -8.47 -13.80 32.21
N PRO A 613 -9.71 -13.35 31.99
CA PRO A 613 -10.76 -14.20 32.52
C PRO A 613 -10.86 -15.55 31.82
N VAL A 614 -11.26 -16.54 32.59
CA VAL A 614 -11.45 -17.86 32.03
C VAL A 614 -12.36 -17.78 30.77
N HIS A 615 -13.46 -17.02 30.81
CA HIS A 615 -14.38 -17.04 29.70
C HIS A 615 -13.84 -16.45 28.37
N VAL A 616 -12.75 -15.69 28.45
CA VAL A 616 -12.12 -15.17 27.25
C VAL A 616 -11.38 -16.30 26.59
N ALA A 617 -10.59 -17.01 27.38
CA ALA A 617 -9.95 -18.25 26.91
C ALA A 617 -10.97 -19.24 26.28
N ASP A 618 -12.08 -19.45 26.95
CA ASP A 618 -13.15 -20.31 26.42
C ASP A 618 -13.66 -19.91 25.07
N ALA A 619 -13.86 -18.60 24.86
CA ALA A 619 -14.29 -18.08 23.55
C ALA A 619 -13.36 -18.52 22.43
N PHE A 620 -12.05 -18.43 22.68
CA PHE A 620 -11.03 -18.82 21.70
C PHE A 620 -10.94 -20.32 21.52
N ARG A 621 -11.10 -21.10 22.60
CA ARG A 621 -11.24 -22.55 22.53
C ARG A 621 -12.39 -22.93 21.60
N ALA A 622 -13.54 -22.33 21.81
CA ALA A 622 -14.70 -22.60 20.94
C ALA A 622 -14.41 -22.41 19.43
N VAL A 623 -13.64 -21.38 19.06
CA VAL A 623 -13.30 -21.12 17.68
C VAL A 623 -12.36 -22.21 17.12
N LEU A 624 -11.39 -22.57 17.93
CA LEU A 624 -10.48 -23.65 17.60
C LEU A 624 -11.15 -25.02 17.32
N LEU A 625 -12.12 -25.37 18.14
CA LEU A 625 -12.85 -26.61 18.02
C LEU A 625 -14.13 -26.54 17.19
N ASP A 626 -14.63 -25.36 16.82
CA ASP A 626 -15.83 -25.35 16.01
C ASP A 626 -15.51 -25.88 14.64
N GLU A 627 -16.26 -26.91 14.26
CA GLU A 627 -15.94 -27.71 13.06
C GLU A 627 -16.59 -27.14 11.81
N LYS A 628 -17.60 -26.28 12.01
CA LYS A 628 -18.29 -25.56 10.94
C LYS A 628 -17.63 -24.23 10.45
N ILE A 629 -16.67 -23.70 11.19
CA ILE A 629 -16.11 -22.38 10.90
C ILE A 629 -15.09 -22.46 9.76
N ASP A 630 -15.14 -21.55 8.81
CA ASP A 630 -14.11 -21.48 7.79
C ASP A 630 -12.74 -21.41 8.49
N PRO A 631 -11.80 -22.27 8.13
CA PRO A 631 -10.47 -22.17 8.80
C PRO A 631 -9.68 -20.85 8.52
N ALA A 632 -9.94 -20.25 7.36
CA ALA A 632 -9.47 -18.90 7.04
C ALA A 632 -9.86 -17.91 8.15
N LEU A 633 -11.09 -17.99 8.62
CA LEU A 633 -11.59 -17.11 9.65
C LEU A 633 -11.01 -17.49 10.99
N ALA A 634 -11.07 -18.77 11.36
CA ALA A 634 -10.43 -19.25 12.60
C ALA A 634 -9.01 -18.74 12.77
N ALA A 635 -8.26 -18.77 11.68
CA ALA A 635 -6.85 -18.34 11.65
C ALA A 635 -6.68 -16.87 11.98
N GLU A 636 -7.60 -16.06 11.44
CA GLU A 636 -7.55 -14.65 11.69
C GLU A 636 -7.97 -14.30 13.11
N ILE A 637 -8.93 -15.02 13.67
CA ILE A 637 -9.30 -14.83 15.07
C ILE A 637 -8.14 -15.23 15.99
N LEU A 638 -7.39 -16.27 15.60
CA LEU A 638 -6.22 -16.71 16.33
C LEU A 638 -4.94 -16.02 15.94
N THR A 639 -5.05 -14.95 15.18
CA THR A 639 -3.90 -14.11 14.90
C THR A 639 -4.09 -12.85 15.74
N LEU A 640 -3.21 -12.67 16.73
CA LEU A 640 -3.34 -11.54 17.63
C LEU A 640 -3.07 -10.22 16.91
N PRO A 641 -3.72 -9.15 17.37
CA PRO A 641 -3.44 -7.84 16.81
C PRO A 641 -1.93 -7.57 16.81
N SER A 642 -1.38 -7.03 15.71
CA SER A 642 0.07 -6.70 15.65
C SER A 642 0.37 -5.68 16.72
N VAL A 643 1.66 -5.46 16.99
CA VAL A 643 2.05 -4.37 17.92
C VAL A 643 1.62 -2.98 17.46
N ASN A 644 1.46 -2.85 16.15
CA ASN A 644 0.92 -1.65 15.53
C ASN A 644 -0.60 -1.48 15.74
N GLU A 645 -1.39 -2.53 15.57
CA GLU A 645 -2.83 -2.44 15.90
C GLU A 645 -3.02 -2.19 17.41
N MET A 646 -2.16 -2.79 18.24
CA MET A 646 -2.24 -2.64 19.70
C MET A 646 -1.97 -1.20 20.14
N ALA A 647 -0.90 -0.60 19.60
CA ALA A 647 -0.52 0.78 19.89
C ALA A 647 -1.66 1.80 19.72
N GLU A 648 -2.55 1.59 18.75
CA GLU A 648 -3.69 2.50 18.50
C GLU A 648 -4.78 2.47 19.57
N LEU A 649 -4.72 1.49 20.47
CA LEU A 649 -5.61 1.52 21.65
C LEU A 649 -5.18 2.52 22.74
N PHE A 650 -4.03 3.17 22.62
CA PHE A 650 -3.46 3.97 23.69
C PHE A 650 -3.25 5.41 23.28
N ASP A 651 -3.44 6.40 24.17
CA ASP A 651 -3.03 7.77 23.85
C ASP A 651 -1.52 7.84 23.84
N ILE A 652 -0.90 7.50 24.97
CA ILE A 652 0.54 7.44 25.06
C ILE A 652 0.92 5.98 24.92
N ILE A 653 1.86 5.66 24.03
CA ILE A 653 2.25 4.28 23.71
C ILE A 653 3.43 3.84 24.59
N ASP A 654 3.32 2.68 25.20
CA ASP A 654 4.45 2.12 25.90
C ASP A 654 4.84 0.93 25.00
N PRO A 655 5.86 1.10 24.13
CA PRO A 655 6.14 0.04 23.12
C PRO A 655 6.69 -1.25 23.72
N ILE A 656 7.37 -1.13 24.85
CA ILE A 656 7.92 -2.28 25.54
C ILE A 656 6.81 -3.10 26.19
N ALA A 657 5.89 -2.43 26.91
CA ALA A 657 4.72 -3.10 27.51
C ALA A 657 3.86 -3.83 26.47
N ILE A 658 3.61 -3.19 25.33
CA ILE A 658 2.84 -3.79 24.26
C ILE A 658 3.50 -5.07 23.72
N ALA A 659 4.80 -5.04 23.51
CA ALA A 659 5.50 -6.22 23.01
C ALA A 659 5.45 -7.33 24.05
N GLU A 660 5.76 -6.99 25.30
CA GLU A 660 5.80 -8.02 26.33
C GLU A 660 4.42 -8.61 26.57
N VAL A 661 3.38 -7.77 26.58
CA VAL A 661 2.01 -8.24 26.71
C VAL A 661 1.56 -9.14 25.53
N ARG A 662 1.98 -8.85 24.31
CA ARG A 662 1.64 -9.68 23.16
C ARG A 662 2.24 -11.07 23.37
N GLU A 663 3.53 -11.11 23.70
CA GLU A 663 4.22 -12.34 24.03
C GLU A 663 3.56 -13.09 25.20
N ALA A 664 3.23 -12.38 26.28
CA ALA A 664 2.58 -13.03 27.45
C ALA A 664 1.19 -13.59 27.12
N LEU A 665 0.40 -12.87 26.34
CA LEU A 665 -0.92 -13.31 25.95
C LEU A 665 -0.82 -14.53 25.03
N THR A 666 0.19 -14.51 24.18
CA THR A 666 0.54 -15.66 23.38
C THR A 666 0.90 -16.89 24.25
N ARG A 667 1.80 -16.74 25.23
CA ARG A 667 2.15 -17.81 26.19
C ARG A 667 0.96 -18.37 26.98
N THR A 668 0.05 -17.50 27.39
CA THR A 668 -1.10 -17.92 28.19
C THR A 668 -2.12 -18.66 27.36
N LEU A 669 -2.46 -18.17 26.17
CA LEU A 669 -3.33 -18.93 25.28
C LEU A 669 -2.68 -20.26 24.87
N ALA A 670 -1.39 -20.26 24.62
CA ALA A 670 -0.67 -21.49 24.32
C ALA A 670 -0.78 -22.57 25.41
N THR A 671 -0.68 -22.16 26.66
CA THR A 671 -0.80 -23.04 27.82
C THR A 671 -2.24 -23.51 28.01
N GLU A 672 -3.18 -22.57 27.99
CA GLU A 672 -4.57 -22.89 28.13
C GLU A 672 -5.08 -23.80 27.06
N LEU A 673 -4.66 -23.54 25.82
CA LEU A 673 -5.21 -24.22 24.66
C LEU A 673 -4.32 -25.31 24.12
N ALA A 674 -3.29 -25.74 24.88
CA ALA A 674 -2.23 -26.62 24.31
C ALA A 674 -2.75 -27.82 23.54
N ASP A 675 -3.81 -28.45 24.06
CA ASP A 675 -4.20 -29.75 23.58
C ASP A 675 -5.02 -29.50 22.34
N GLU A 676 -5.93 -28.53 22.43
CA GLU A 676 -6.73 -28.12 21.27
C GLU A 676 -5.84 -27.62 20.08
N LEU A 677 -4.80 -26.84 20.41
CA LEU A 677 -3.90 -26.26 19.41
C LEU A 677 -3.13 -27.33 18.66
N LEU A 678 -2.66 -28.33 19.41
CA LEU A 678 -1.94 -29.44 18.82
C LEU A 678 -2.84 -30.30 17.94
N ALA A 679 -4.04 -30.53 18.39
CA ALA A 679 -4.98 -31.33 17.63
C ALA A 679 -5.27 -30.66 16.29
N ILE A 680 -5.59 -29.36 16.31
CA ILE A 680 -5.90 -28.62 15.08
C ILE A 680 -4.65 -28.47 14.20
N TYR A 681 -3.50 -28.29 14.81
CA TYR A 681 -2.24 -28.35 14.05
C TYR A 681 -2.10 -29.66 13.22
N ASN A 682 -2.36 -30.81 13.86
CA ASN A 682 -2.21 -32.11 13.16
C ASN A 682 -3.35 -32.36 12.15
N ALA A 683 -4.54 -31.96 12.52
CA ALA A 683 -5.71 -32.16 11.67
C ALA A 683 -5.60 -31.48 10.29
N ASN A 684 -4.89 -30.36 10.23
CA ASN A 684 -4.74 -29.54 9.02
C ASN A 684 -3.44 -29.74 8.28
N TYR A 685 -2.68 -30.77 8.67
CA TYR A 685 -1.60 -31.24 7.83
C TYR A 685 -2.06 -31.48 6.37
N GLN A 686 -1.23 -31.09 5.43
CA GLN A 686 -1.50 -31.25 3.98
C GLN A 686 -0.20 -31.71 3.28
N SER A 687 -0.20 -32.88 2.68
CA SER A 687 1.03 -33.40 1.99
C SER A 687 1.30 -32.69 0.66
N GLU A 688 0.26 -32.52 -0.15
CA GLU A 688 0.34 -31.65 -1.32
C GLU A 688 0.34 -30.15 -0.95
N TYR A 689 1.21 -29.40 -1.64
CA TYR A 689 1.19 -27.94 -1.63
C TYR A 689 0.42 -27.39 -2.86
N ARG A 690 -0.54 -26.51 -2.60
CA ARG A 690 -1.25 -25.89 -3.66
C ARG A 690 -1.52 -24.45 -3.29
N VAL A 691 -1.56 -23.60 -4.31
CA VAL A 691 -1.89 -22.21 -4.15
C VAL A 691 -3.35 -22.05 -4.50
N GLU A 692 -4.15 -22.46 -3.55
CA GLU A 692 -5.58 -22.53 -3.73
C GLU A 692 -6.20 -22.15 -2.43
N HIS A 693 -7.33 -21.49 -2.51
CA HIS A 693 -7.87 -20.74 -1.38
C HIS A 693 -8.19 -21.64 -0.17
N GLU A 694 -8.73 -22.83 -0.40
CA GLU A 694 -9.06 -23.74 0.69
C GLU A 694 -7.78 -24.29 1.40
N ASP A 695 -6.80 -24.67 0.59
CA ASP A 695 -5.49 -25.07 1.08
C ASP A 695 -4.75 -23.96 1.81
N ILE A 696 -4.88 -22.72 1.34
CA ILE A 696 -4.22 -21.64 2.04
C ILE A 696 -4.87 -21.43 3.44
N ALA A 697 -6.18 -21.47 3.52
CA ALA A 697 -6.92 -21.40 4.78
C ALA A 697 -6.42 -22.42 5.80
N LYS A 698 -6.38 -23.70 5.40
CA LYS A 698 -5.97 -24.77 6.32
C LYS A 698 -4.52 -24.59 6.76
N ARG A 699 -3.65 -24.25 5.83
CA ARG A 699 -2.23 -23.99 6.13
C ARG A 699 -2.06 -22.77 7.04
N THR A 700 -2.90 -21.76 6.81
CA THR A 700 -2.84 -20.56 7.62
C THR A 700 -3.29 -20.87 9.07
N LEU A 701 -4.41 -21.59 9.23
CA LEU A 701 -4.81 -22.09 10.55
C LEU A 701 -3.74 -22.96 11.18
N ARG A 702 -3.21 -23.90 10.43
CA ARG A 702 -2.18 -24.76 10.95
C ARG A 702 -1.00 -23.95 11.49
N ASN A 703 -0.54 -22.94 10.74
CA ASN A 703 0.66 -22.22 11.15
C ASN A 703 0.36 -21.19 12.26
N ALA A 704 -0.90 -20.81 12.37
CA ALA A 704 -1.33 -20.02 13.49
C ALA A 704 -1.28 -20.84 14.77
N CYS A 705 -1.71 -22.11 14.68
CA CYS A 705 -1.57 -23.05 15.80
C CYS A 705 -0.11 -23.30 16.15
N LEU A 706 0.73 -23.55 15.16
CA LEU A 706 2.15 -23.69 15.38
C LEU A 706 2.75 -22.52 16.18
N ARG A 707 2.31 -21.30 15.85
CA ARG A 707 2.93 -20.15 16.48
C ARG A 707 2.65 -20.12 17.98
N PHE A 708 1.40 -20.35 18.36
CA PHE A 708 1.08 -20.55 19.79
C PHE A 708 1.90 -21.69 20.41
N LEU A 709 1.96 -22.81 19.72
CA LEU A 709 2.65 -23.96 20.26
C LEU A 709 4.10 -23.63 20.49
N ALA A 710 4.69 -22.76 19.68
CA ALA A 710 6.10 -22.38 19.89
C ALA A 710 6.33 -21.70 21.23
N PHE A 711 5.29 -21.05 21.72
CA PHE A 711 5.31 -20.35 22.99
C PHE A 711 4.85 -21.18 24.18
N GLY A 712 4.54 -22.45 23.92
CA GLY A 712 4.19 -23.41 24.94
C GLY A 712 5.40 -24.12 25.51
N GLU A 713 5.19 -25.38 25.87
CA GLU A 713 6.22 -26.18 26.52
C GLU A 713 7.41 -26.28 25.58
N THR A 714 8.58 -25.95 26.09
CA THR A 714 9.76 -25.71 25.26
C THR A 714 10.23 -26.86 24.41
N HIS A 715 10.32 -28.05 25.00
CA HIS A 715 10.86 -29.18 24.26
C HIS A 715 9.97 -29.51 23.06
N LEU A 716 8.69 -29.70 23.34
CA LEU A 716 7.70 -29.99 22.33
C LEU A 716 7.72 -28.92 21.22
N ALA A 717 7.88 -27.66 21.63
CA ALA A 717 7.96 -26.56 20.69
C ALA A 717 9.14 -26.73 19.77
N ASP A 718 10.31 -26.96 20.36
CA ASP A 718 11.55 -27.07 19.60
C ASP A 718 11.48 -28.22 18.57
N VAL A 719 10.80 -29.27 18.98
CA VAL A 719 10.67 -30.45 18.15
C VAL A 719 9.79 -30.16 16.97
N LEU A 720 8.55 -29.75 17.25
CA LEU A 720 7.56 -29.35 16.23
C LEU A 720 8.13 -28.37 15.14
N VAL A 721 8.83 -27.35 15.62
CA VAL A 721 9.31 -26.29 14.79
C VAL A 721 10.56 -26.72 13.97
N SER A 722 11.54 -27.33 14.62
CA SER A 722 12.74 -27.89 13.96
C SER A 722 12.30 -28.86 12.80
N LYS A 723 11.33 -29.70 13.10
CA LYS A 723 10.78 -30.66 12.19
C LYS A 723 10.00 -30.01 11.01
N GLN A 724 9.05 -29.13 11.29
CA GLN A 724 8.35 -28.46 10.22
C GLN A 724 9.34 -27.75 9.32
N PHE A 725 10.36 -27.12 9.89
CA PHE A 725 11.32 -26.42 9.03
C PHE A 725 12.05 -27.36 8.05
N HIS A 726 12.50 -28.49 8.56
CA HIS A 726 13.36 -29.39 7.80
C HIS A 726 12.50 -30.20 6.85
N GLU A 727 11.27 -30.52 7.24
CA GLU A 727 10.39 -31.34 6.41
C GLU A 727 9.59 -30.57 5.39
N ALA A 728 9.51 -29.24 5.50
CA ALA A 728 8.63 -28.47 4.64
C ALA A 728 8.97 -28.58 3.17
N ASN A 729 7.92 -28.66 2.37
CA ASN A 729 8.09 -28.68 0.89
C ASN A 729 7.76 -27.31 0.20
N ASN A 730 7.63 -26.26 1.01
CA ASN A 730 7.27 -24.94 0.53
C ASN A 730 7.72 -23.92 1.53
N MET A 731 7.85 -22.69 1.06
CA MET A 731 8.41 -21.65 1.90
C MET A 731 7.39 -21.14 2.95
N THR A 732 6.08 -21.25 2.68
CA THR A 732 5.13 -20.90 3.69
C THR A 732 5.43 -21.67 4.99
N ASP A 733 5.59 -22.96 4.87
CA ASP A 733 5.72 -23.80 6.06
C ASP A 733 7.13 -23.65 6.69
N ALA A 734 8.16 -23.49 5.86
CA ALA A 734 9.51 -23.31 6.36
C ALA A 734 9.59 -21.97 7.14
N LEU A 735 9.04 -20.91 6.55
CA LEU A 735 9.14 -19.60 7.18
C LEU A 735 8.27 -19.50 8.44
N ALA A 736 7.08 -20.09 8.45
CA ALA A 736 6.21 -20.01 9.62
C ALA A 736 6.96 -20.57 10.82
N ALA A 737 7.71 -21.65 10.56
CA ALA A 737 8.52 -22.28 11.59
C ALA A 737 9.76 -21.49 11.99
N LEU A 738 10.52 -21.05 11.02
CA LEU A 738 11.71 -20.24 11.33
C LEU A 738 11.28 -18.98 12.08
N SER A 739 10.11 -18.45 11.73
CA SER A 739 9.65 -17.26 12.32
C SER A 739 9.27 -17.55 13.76
N ALA A 740 8.57 -18.65 14.01
CA ALA A 740 8.22 -19.07 15.39
C ALA A 740 9.46 -19.30 16.25
N ALA A 741 10.46 -19.90 15.65
CA ALA A 741 11.70 -20.14 16.34
C ALA A 741 12.39 -18.85 16.76
N VAL A 742 12.38 -17.83 15.89
CA VAL A 742 12.96 -16.54 16.25
C VAL A 742 12.14 -15.87 17.36
N ALA A 743 10.82 -15.93 17.24
CA ALA A 743 9.90 -15.21 18.13
C ALA A 743 9.84 -15.77 19.54
N ALA A 744 9.81 -17.10 19.66
CA ALA A 744 9.85 -17.76 20.97
C ALA A 744 11.28 -18.00 21.46
N GLN A 745 12.27 -17.67 20.66
CA GLN A 745 13.69 -17.86 21.05
C GLN A 745 13.95 -19.34 21.36
N LEU A 746 13.46 -20.22 20.52
CA LEU A 746 13.64 -21.63 20.73
C LEU A 746 15.11 -22.01 20.56
N PRO A 747 15.51 -23.12 21.22
CA PRO A 747 16.87 -23.62 21.11
C PRO A 747 17.36 -23.82 19.66
N CYS A 748 16.48 -24.30 18.75
CA CYS A 748 16.86 -24.57 17.35
C CYS A 748 17.16 -23.33 16.49
N ARG A 749 16.89 -22.15 17.04
CA ARG A 749 16.88 -20.93 16.28
C ARG A 749 18.15 -20.67 15.48
N ASP A 750 19.27 -20.56 16.15
CA ASP A 750 20.52 -20.11 15.49
C ASP A 750 20.90 -21.05 14.35
N ALA A 751 20.66 -22.33 14.60
CA ALA A 751 20.94 -23.37 13.62
C ALA A 751 20.02 -23.27 12.42
N LEU A 752 18.70 -23.14 12.64
CA LEU A 752 17.78 -22.93 11.51
C LEU A 752 18.11 -21.64 10.72
N MET A 753 18.48 -20.58 11.43
CA MET A 753 18.81 -19.34 10.81
C MET A 753 20.07 -19.47 10.03
N GLN A 754 21.07 -20.20 10.55
CA GLN A 754 22.31 -20.43 9.75
C GLN A 754 22.04 -21.24 8.45
N GLU A 755 21.23 -22.28 8.57
CA GLU A 755 20.84 -23.11 7.45
C GLU A 755 20.21 -22.29 6.35
N TYR A 756 19.26 -21.44 6.75
CA TYR A 756 18.55 -20.59 5.83
C TYR A 756 19.54 -19.70 5.10
N ASP A 757 20.46 -19.08 5.83
CA ASP A 757 21.43 -18.19 5.22
C ASP A 757 22.31 -18.94 4.24
N ASP A 758 22.78 -20.11 4.65
CA ASP A 758 23.65 -20.91 3.78
C ASP A 758 23.00 -21.33 2.49
N LYS A 759 21.74 -21.71 2.59
CA LYS A 759 21.01 -22.14 1.41
C LYS A 759 20.67 -20.97 0.50
N TRP A 760 20.30 -19.81 1.08
CA TRP A 760 19.61 -18.76 0.33
C TRP A 760 20.29 -17.44 0.17
N HIS A 761 21.47 -17.24 0.74
CA HIS A 761 22.19 -15.94 0.71
C HIS A 761 22.33 -15.27 -0.68
N GLN A 762 22.41 -16.08 -1.72
CA GLN A 762 22.61 -15.57 -3.08
C GLN A 762 21.32 -15.02 -3.69
N ASN A 763 20.23 -15.15 -2.95
CA ASN A 763 18.91 -14.75 -3.41
C ASN A 763 18.30 -13.65 -2.53
N GLY A 764 18.31 -12.41 -3.02
CA GLY A 764 17.94 -11.24 -2.23
C GLY A 764 16.51 -11.31 -1.73
N LEU A 765 15.52 -11.66 -2.60
CA LEU A 765 14.12 -11.68 -2.14
C LEU A 765 13.89 -12.71 -1.03
N VAL A 766 14.64 -13.79 -1.08
CA VAL A 766 14.46 -14.83 -0.12
C VAL A 766 15.11 -14.37 1.16
N MET A 767 16.24 -13.65 1.05
CA MET A 767 16.92 -13.19 2.23
C MET A 767 16.19 -12.04 2.98
N ASP A 768 15.35 -11.31 2.26
CA ASP A 768 14.54 -10.23 2.82
C ASP A 768 13.75 -10.75 3.99
N LYS A 769 13.21 -11.96 3.86
CA LYS A 769 12.42 -12.56 4.94
C LYS A 769 13.25 -12.79 6.15
N TRP A 770 14.47 -13.21 5.90
CA TRP A 770 15.42 -13.52 6.93
C TRP A 770 15.79 -12.20 7.65
N PHE A 771 16.11 -11.14 6.90
CA PHE A 771 16.46 -9.87 7.52
C PHE A 771 15.27 -9.38 8.36
N ILE A 772 14.02 -9.56 7.85
CA ILE A 772 12.87 -9.15 8.64
C ILE A 772 12.81 -9.89 10.01
N LEU A 773 13.12 -11.19 9.98
CA LEU A 773 13.20 -11.97 11.18
C LEU A 773 14.30 -11.45 12.09
N GLN A 774 15.47 -11.12 11.54
CA GLN A 774 16.55 -10.59 12.37
C GLN A 774 16.14 -9.29 13.04
N ALA A 775 15.63 -8.39 12.19
CA ALA A 775 15.19 -7.05 12.57
C ALA A 775 14.09 -7.03 13.59
N THR A 776 13.18 -8.00 13.53
CA THR A 776 12.05 -8.07 14.43
C THR A 776 12.26 -9.03 15.61
N SER A 777 13.49 -9.50 15.83
CA SER A 777 13.75 -10.52 16.86
C SER A 777 13.48 -9.94 18.25
N PRO A 778 12.92 -10.71 19.16
CA PRO A 778 12.75 -10.23 20.54
C PRO A 778 14.05 -10.38 21.39
N ALA A 779 15.08 -10.94 20.81
CA ALA A 779 16.31 -11.04 21.55
C ALA A 779 16.84 -9.71 22.11
N ALA A 780 17.66 -9.82 23.15
CA ALA A 780 18.19 -8.62 23.87
C ALA A 780 19.23 -7.81 23.08
N ASN A 781 20.01 -8.47 22.25
CA ASN A 781 21.07 -7.79 21.52
C ASN A 781 20.66 -7.42 20.06
N VAL A 782 19.36 -7.23 19.80
CA VAL A 782 18.88 -7.23 18.41
C VAL A 782 19.50 -6.10 17.53
N LEU A 783 19.65 -4.92 18.11
CA LEU A 783 20.29 -3.82 17.45
C LEU A 783 21.71 -4.13 17.08
N GLU A 784 22.45 -4.68 18.03
CA GLU A 784 23.83 -5.06 17.78
C GLU A 784 23.86 -6.01 16.57
N THR A 785 22.95 -7.00 16.49
CA THR A 785 22.93 -7.89 15.37
C THR A 785 22.59 -7.15 14.06
N VAL A 786 21.60 -6.25 14.11
CA VAL A 786 21.18 -5.53 12.91
C VAL A 786 22.31 -4.69 12.30
N ARG A 787 23.05 -4.00 13.17
CA ARG A 787 24.26 -3.23 12.77
C ARG A 787 25.24 -4.14 12.06
N GLY A 788 25.49 -5.31 12.65
CA GLY A 788 26.36 -6.32 12.06
C GLY A 788 25.89 -6.76 10.68
N LEU A 789 24.56 -6.91 10.53
CA LEU A 789 23.97 -7.31 9.25
C LEU A 789 24.12 -6.25 8.17
N LEU A 790 24.45 -5.01 8.50
CA LEU A 790 24.88 -4.06 7.46
C LEU A 790 26.04 -4.58 6.62
N GLN A 791 26.85 -5.47 7.20
CA GLN A 791 27.97 -6.10 6.51
C GLN A 791 27.66 -7.42 5.84
N HIS A 792 26.42 -7.88 5.94
CA HIS A 792 26.16 -9.25 5.48
C HIS A 792 26.20 -9.32 3.95
N ARG A 793 26.61 -10.48 3.46
CA ARG A 793 26.82 -10.76 2.01
C ARG A 793 25.62 -10.42 1.12
N SER A 794 24.45 -10.65 1.67
CA SER A 794 23.15 -10.38 1.05
C SER A 794 22.54 -8.99 1.23
N PHE A 795 23.13 -8.16 2.07
CA PHE A 795 22.69 -6.78 2.27
C PHE A 795 23.47 -5.78 1.37
N THR A 796 22.74 -4.77 0.90
CA THR A 796 23.35 -3.61 0.29
C THR A 796 22.47 -2.40 0.50
N MET A 797 23.09 -1.29 0.95
CA MET A 797 22.44 0.02 1.08
C MET A 797 21.90 0.56 -0.25
N SER A 798 22.31 -0.01 -1.38
CA SER A 798 21.84 0.50 -2.68
C SER A 798 20.50 -0.08 -3.11
N ASN A 799 20.03 -1.13 -2.42
CA ASN A 799 18.82 -1.78 -2.79
C ASN A 799 17.67 -1.45 -1.80
N PRO A 800 16.65 -0.70 -2.24
CA PRO A 800 15.49 -0.44 -1.41
C PRO A 800 14.90 -1.67 -0.74
N ASN A 801 14.77 -2.79 -1.43
CA ASN A 801 14.21 -3.96 -0.79
C ASN A 801 15.05 -4.37 0.45
N ARG A 802 16.37 -4.42 0.29
CA ARG A 802 17.23 -4.84 1.42
C ARG A 802 17.08 -3.86 2.60
N ILE A 803 17.07 -2.58 2.28
CA ILE A 803 16.99 -1.53 3.23
C ILE A 803 15.69 -1.68 4.00
N ARG A 804 14.59 -1.79 3.28
CA ARG A 804 13.29 -1.91 3.93
C ARG A 804 13.20 -3.16 4.81
N SER A 805 13.85 -4.24 4.43
CA SER A 805 13.77 -5.51 5.15
C SER A 805 14.59 -5.58 6.44
N LEU A 806 15.73 -4.89 6.46
CA LEU A 806 16.60 -4.86 7.62
C LEU A 806 16.29 -3.64 8.49
N ILE A 807 16.49 -2.47 7.91
CA ILE A 807 16.47 -1.21 8.64
C ILE A 807 15.03 -0.80 8.90
N GLY A 808 14.21 -0.90 7.88
CA GLY A 808 12.87 -0.42 7.94
C GLY A 808 12.08 -1.32 8.88
N ALA A 809 12.32 -2.64 8.80
CA ALA A 809 11.62 -3.61 9.67
C ALA A 809 11.99 -3.38 11.15
N PHE A 810 13.26 -3.10 11.41
CA PHE A 810 13.73 -2.79 12.71
C PHE A 810 12.99 -1.57 13.30
N ALA A 811 13.06 -0.46 12.60
CA ALA A 811 12.42 0.79 13.06
C ALA A 811 10.89 0.74 13.12
N GLY A 812 10.25 0.11 12.14
CA GLY A 812 8.77 0.05 12.03
C GLY A 812 8.08 -1.07 12.78
N SER A 813 8.76 -2.22 12.80
CA SER A 813 8.14 -3.44 13.27
C SER A 813 8.83 -4.02 14.47
N ASN A 814 9.87 -3.38 14.99
CA ASN A 814 10.40 -3.80 16.29
C ASN A 814 10.33 -2.63 17.26
N PRO A 815 9.13 -2.19 17.61
CA PRO A 815 9.12 -0.95 18.42
C PRO A 815 9.78 -1.07 19.81
N ALA A 816 9.77 -2.23 20.40
CA ALA A 816 10.42 -2.41 21.66
C ALA A 816 11.91 -2.12 21.59
N ALA A 817 12.59 -2.53 20.51
CA ALA A 817 14.05 -2.33 20.39
C ALA A 817 14.36 -0.94 19.83
N PHE A 818 13.56 -0.52 18.86
CA PHE A 818 13.74 0.79 18.31
C PHE A 818 13.62 1.88 19.37
N HIS A 819 12.71 1.66 20.31
CA HIS A 819 12.41 2.59 21.38
C HIS A 819 13.06 2.15 22.69
N ALA A 820 14.24 1.56 22.60
CA ALA A 820 14.99 1.24 23.79
C ALA A 820 15.23 2.53 24.61
N GLU A 821 15.04 2.43 25.91
CA GLU A 821 15.18 3.60 26.81
C GLU A 821 16.46 4.43 26.56
N ASP A 822 17.57 3.79 26.24
CA ASP A 822 18.85 4.49 26.00
C ASP A 822 18.93 5.27 24.71
N GLY A 823 17.89 5.27 23.89
CA GLY A 823 17.93 6.03 22.65
C GLY A 823 18.77 5.44 21.53
N SER A 824 19.33 4.24 21.72
CA SER A 824 20.21 3.59 20.72
C SER A 824 19.50 3.35 19.36
N GLY A 825 18.20 3.07 19.38
CA GLY A 825 17.43 2.89 18.15
C GLY A 825 17.36 4.17 17.34
N TYR A 826 17.16 5.27 18.04
CA TYR A 826 17.05 6.53 17.35
C TYR A 826 18.35 6.87 16.64
N LEU A 827 19.49 6.67 17.32
CA LEU A 827 20.78 7.10 16.79
C LEU A 827 21.16 6.22 15.63
N PHE A 828 20.81 4.94 15.71
CA PHE A 828 21.02 4.05 14.59
C PHE A 828 20.27 4.55 13.31
N LEU A 829 19.00 4.90 13.48
CA LEU A 829 18.18 5.36 12.39
C LEU A 829 18.75 6.63 11.80
N VAL A 830 19.21 7.50 12.70
CA VAL A 830 19.87 8.75 12.31
C VAL A 830 21.09 8.54 11.42
N GLU A 831 21.94 7.58 11.78
CA GLU A 831 23.06 7.24 10.92
C GLU A 831 22.62 6.73 9.57
N MET A 832 21.64 5.86 9.60
CA MET A 832 21.16 5.27 8.35
C MET A 832 20.57 6.38 7.47
N LEU A 833 19.85 7.31 8.09
CA LEU A 833 19.15 8.34 7.32
C LEU A 833 20.12 9.37 6.79
N THR A 834 21.25 9.45 7.46
CA THR A 834 22.30 10.39 7.09
C THR A 834 22.90 9.98 5.76
N ASP A 835 23.07 8.66 5.60
CA ASP A 835 23.42 8.07 4.32
C ASP A 835 22.25 8.21 3.32
N LEU A 836 21.08 7.71 3.66
CA LEU A 836 19.98 7.61 2.73
C LEU A 836 19.44 8.93 2.29
N ASN A 837 19.66 10.00 3.02
CA ASN A 837 19.21 11.32 2.58
C ASN A 837 19.87 11.81 1.32
N SER A 838 21.14 11.44 1.15
CA SER A 838 21.93 11.71 -0.08
C SER A 838 21.70 10.68 -1.18
N ARG A 839 21.52 9.40 -0.81
CA ARG A 839 21.44 8.28 -1.76
C ARG A 839 20.04 8.10 -2.41
N ASN A 840 19.03 8.02 -1.55
CA ASN A 840 17.70 7.70 -1.97
C ASN A 840 16.70 8.31 -1.00
N PRO A 841 16.35 9.57 -1.26
CA PRO A 841 15.53 10.24 -0.29
C PRO A 841 14.13 9.70 -0.15
N GLN A 842 13.59 9.04 -1.19
CA GLN A 842 12.25 8.42 -1.05
C GLN A 842 12.22 7.32 0.02
N VAL A 843 13.29 6.53 0.07
CA VAL A 843 13.43 5.45 1.00
C VAL A 843 13.72 6.02 2.38
N ALA A 844 14.65 6.97 2.43
CA ALA A 844 14.89 7.77 3.64
C ALA A 844 13.57 8.26 4.29
N SER A 845 12.70 8.80 3.45
CA SER A 845 11.48 9.42 3.93
C SER A 845 10.53 8.38 4.49
N ARG A 846 10.55 7.19 3.89
CA ARG A 846 9.78 6.09 4.47
C ARG A 846 10.34 5.65 5.85
N LEU A 847 11.66 5.53 5.92
CA LEU A 847 12.34 5.12 7.13
C LEU A 847 12.25 6.13 8.29
N ILE A 848 12.03 7.40 8.00
CA ILE A 848 11.90 8.39 9.05
C ILE A 848 10.54 8.29 9.79
N GLU A 849 9.62 7.59 9.18
CA GLU A 849 8.27 7.71 9.63
C GLU A 849 8.08 7.29 11.13
N PRO A 850 8.81 6.32 11.61
CA PRO A 850 8.71 5.98 13.01
C PRO A 850 9.19 7.06 14.02
N LEU A 851 10.08 7.96 13.60
CA LEU A 851 10.66 9.01 14.44
C LEU A 851 9.77 10.22 14.55
N ILE A 852 8.91 10.45 13.55
CA ILE A 852 8.01 11.56 13.60
C ILE A 852 6.72 11.27 14.36
N ARG A 853 6.61 10.09 14.92
CA ARG A 853 5.50 9.74 15.81
C ARG A 853 5.80 10.07 17.28
N LEU A 854 6.85 10.86 17.53
CA LEU A 854 7.33 11.11 18.88
C LEU A 854 6.29 11.64 19.86
N LYS A 855 5.24 12.31 19.38
CA LYS A 855 4.25 12.85 20.32
C LYS A 855 3.34 11.81 20.91
N ARG A 856 3.36 10.58 20.39
CA ARG A 856 2.66 9.45 20.97
C ARG A 856 3.37 8.76 22.15
N TYR A 857 4.62 9.12 22.38
CA TYR A 857 5.47 8.50 23.36
C TYR A 857 5.67 9.35 24.62
N ASP A 858 6.30 8.77 25.63
CA ASP A 858 6.50 9.43 26.93
C ASP A 858 7.57 10.51 26.78
N ALA A 859 7.62 11.41 27.75
CA ALA A 859 8.47 12.62 27.71
C ALA A 859 9.93 12.39 27.42
N LYS A 860 10.51 11.41 28.07
CA LYS A 860 11.94 11.10 27.96
C LYS A 860 12.27 10.57 26.56
N ARG A 861 11.34 9.77 26.02
CA ARG A 861 11.41 9.31 24.62
C ARG A 861 11.20 10.44 23.62
N GLN A 862 10.22 11.30 23.86
CA GLN A 862 10.09 12.48 23.03
C GLN A 862 11.34 13.27 22.98
N GLU A 863 11.98 13.48 24.14
CA GLU A 863 13.16 14.31 24.21
C GLU A 863 14.21 13.73 23.26
N LYS A 864 14.44 12.43 23.35
CA LYS A 864 15.50 11.83 22.54
C LYS A 864 15.19 11.78 21.03
N MET A 865 13.90 11.60 20.70
CA MET A 865 13.43 11.56 19.31
C MET A 865 13.52 12.96 18.66
N ARG A 866 13.11 13.97 19.43
CA ARG A 866 13.23 15.36 19.00
C ARG A 866 14.68 15.73 18.70
N ALA A 867 15.62 15.31 19.54
CA ALA A 867 17.06 15.56 19.30
C ALA A 867 17.59 14.91 18.03
N ALA A 868 17.13 13.69 17.81
CA ALA A 868 17.43 12.98 16.58
C ALA A 868 16.91 13.74 15.36
N LEU A 869 15.67 14.20 15.44
CA LEU A 869 15.14 14.95 14.34
C LEU A 869 15.91 16.23 14.14
N GLU A 870 16.34 16.84 15.24
CA GLU A 870 17.11 18.09 15.22
C GLU A 870 18.47 17.83 14.62
N GLN A 871 19.11 16.74 14.94
CA GLN A 871 20.33 16.35 14.23
C GLN A 871 20.13 16.22 12.70
N LEU A 872 19.04 15.59 12.27
CA LEU A 872 18.75 15.38 10.83
C LEU A 872 18.33 16.65 10.12
N LYS A 873 17.56 17.49 10.82
CA LYS A 873 17.22 18.82 10.34
C LYS A 873 18.49 19.57 9.94
N GLY A 874 19.58 19.34 10.68
CA GLY A 874 20.83 19.98 10.37
C GLY A 874 21.74 19.40 9.27
N LEU A 875 21.36 18.32 8.58
CA LEU A 875 22.22 17.81 7.47
C LEU A 875 22.41 18.91 6.42
N GLU A 876 23.63 19.04 5.91
CA GLU A 876 23.85 19.77 4.64
C GLU A 876 23.17 18.91 3.53
N ASN A 877 22.57 19.58 2.57
CA ASN A 877 21.78 18.87 1.52
C ASN A 877 20.66 18.00 2.04
N LEU A 878 19.96 18.50 3.05
CA LEU A 878 18.71 17.96 3.49
C LEU A 878 17.77 17.91 2.32
N SER A 879 17.26 16.71 2.03
CA SER A 879 16.30 16.51 0.97
C SER A 879 14.96 17.16 1.37
N GLY A 880 14.25 17.68 0.38
CA GLY A 880 12.87 18.10 0.56
C GLY A 880 11.99 17.03 1.13
N ASP A 881 12.24 15.78 0.77
CA ASP A 881 11.45 14.67 1.29
C ASP A 881 11.53 14.67 2.83
N LEU A 882 12.75 14.73 3.36
CA LEU A 882 12.94 14.68 4.83
C LEU A 882 12.55 15.98 5.49
N TYR A 883 12.91 17.08 4.84
CA TYR A 883 12.56 18.38 5.32
C TYR A 883 11.05 18.52 5.64
N GLU A 884 10.19 18.09 4.73
CA GLU A 884 8.75 18.25 4.91
C GLU A 884 8.29 17.59 6.21
N LYS A 885 8.81 16.39 6.40
CA LYS A 885 8.47 15.58 7.58
C LYS A 885 9.10 16.09 8.87
N ILE A 886 10.41 16.34 8.86
CA ILE A 886 11.09 16.81 10.05
C ILE A 886 10.47 18.14 10.62
N THR A 887 10.18 19.10 9.74
CA THR A 887 9.59 20.36 10.23
C THR A 887 8.14 20.19 10.74
N LYS A 888 7.34 19.38 10.09
CA LYS A 888 6.01 19.07 10.63
C LYS A 888 6.12 18.42 12.02
N ALA A 889 7.11 17.56 12.15
CA ALA A 889 7.32 16.82 13.37
C ALA A 889 7.79 17.67 14.54
N LEU A 890 8.58 18.68 14.25
CA LEU A 890 9.14 19.54 15.27
C LEU A 890 8.25 20.74 15.55
N ALA A 891 7.23 20.98 14.72
CA ALA A 891 6.28 22.09 14.92
C ALA A 891 5.37 21.83 16.08
#